data_8CNT
#
_entry.id   8CNT
#
_cell.length_a   55.130
_cell.length_b   102.140
_cell.length_c   106.610
_cell.angle_alpha   90.00
_cell.angle_beta   90.00
_cell.angle_gamma   90.00
#
_symmetry.space_group_name_H-M   'P 21 21 21'
#
loop_
_entity.id
_entity.type
_entity.pdbx_description
1 polymer 'Pre-mRNA splicing factor ATP-dependent RNA helicase prp16-like protein'
2 non-polymer 'MAGNESIUM ION'
3 non-polymer "ADENOSINE-5'-DIPHOSPHATE"
4 non-polymer 'HEXAETHYLENE GLYCOL'
5 water water
#
_entity_poly.entity_id   1
_entity_poly.type   'polypeptide(L)'
_entity_poly.pdbx_seq_one_letter_code
;GPLGSPNTLKEQREFLPAFAVREDLLRVIRDNQVVIVIGETGSGKTTQLTQFLYEDGYGKTGMIGCTQPRRVAAMSVAKR
VAEEMEVKLGTLVGYAIRFEDCTSKETVIKYMTDGVLLRESLNEPDLDRYSCIIMDEAHERALNTDVLMGLFKKILQRRR
DLKLIITSATMNSKRFSDFFGGAPEFTIPGRTFPVDILFHRSPVEDYVDQAVQQVLAIHVSKPAGDILVFMTGQEDIEVT
CELIQERLAALNDPPKLSVLPIYSQMPADLQAKIFDRAPPGVRKCIVATNIAETSLTVDGIMYVVDCGYSKLKVYNPRMG
MDTLQITPISQANAAQRAGRAGRTGPGQAYRLYTEKQFRDEMYMQTIPEIQRTNLSNTVLLLKSLGVKDLLDFDFMDPPP
QDTITTSLYDLWALGALDNLGELTELGRKMNAFPMDPPLAKLLIMSEEYGCSEEMVTIVSMLSVPNVFYRPKERQEESDA
AREKFFVPESDHLTYLHVYTQWKANGYSDAWCARHFLHSKSLRRAREVRDQLLDIMKMQHMRMVSCGTDWDIIRKCICSG
YYHQAAKVKGIGEYINLRTSVTVQLHPTSALYGLGFLPDYVVYHELILTSKEYMSTVTAVDPHWLAELEPSAV
;
_entity_poly.pdbx_strand_id   A
#
loop_
_chem_comp.id
_chem_comp.type
_chem_comp.name
_chem_comp.formula
ADP non-polymer ADENOSINE-5'-DIPHOSPHATE 'C10 H15 N5 O10 P2'
MG non-polymer 'MAGNESIUM ION' 'Mg 2'
P6G non-polymer 'HEXAETHYLENE GLYCOL' 'C12 H26 O7'
#
# COMPACT_ATOMS: atom_id res chain seq x y z
N LYS A 10 -35.58 -0.91 9.82
CA LYS A 10 -35.01 -0.61 11.18
C LYS A 10 -33.53 -0.22 11.07
N GLU A 11 -32.77 -0.83 10.15
CA GLU A 11 -31.29 -0.67 10.05
C GLU A 11 -30.85 -0.25 8.64
N GLN A 12 -29.87 0.66 8.57
CA GLN A 12 -29.26 1.18 7.31
C GLN A 12 -28.79 -0.02 6.46
N ARG A 13 -28.24 -1.04 7.12
CA ARG A 13 -27.64 -2.27 6.51
C ARG A 13 -28.70 -3.12 5.79
N GLU A 14 -29.97 -2.71 5.81
CA GLU A 14 -31.09 -3.42 5.12
C GLU A 14 -31.28 -2.84 3.71
N PHE A 15 -30.86 -1.59 3.47
CA PHE A 15 -30.85 -0.97 2.12
C PHE A 15 -29.80 -1.61 1.21
N LEU A 16 -28.97 -2.56 1.68
CA LEU A 16 -27.84 -3.15 0.89
C LEU A 16 -28.31 -4.36 0.07
N PRO A 17 -27.97 -4.47 -1.24
CA PRO A 17 -28.31 -5.64 -2.06
C PRO A 17 -28.00 -7.05 -1.53
N ALA A 18 -26.94 -7.20 -0.72
CA ALA A 18 -26.53 -8.52 -0.18
C ALA A 18 -27.61 -9.07 0.76
N PHE A 19 -28.35 -8.17 1.42
CA PHE A 19 -29.33 -8.52 2.48
C PHE A 19 -30.43 -9.42 1.89
N ALA A 20 -30.74 -9.24 0.60
CA ALA A 20 -31.89 -9.90 -0.07
C ALA A 20 -31.53 -11.32 -0.51
N VAL A 21 -30.25 -11.61 -0.71
CA VAL A 21 -29.81 -12.94 -1.23
C VAL A 21 -29.30 -13.79 -0.07
N ARG A 22 -29.40 -13.27 1.15
CA ARG A 22 -28.77 -13.87 2.37
C ARG A 22 -29.02 -15.37 2.40
N GLU A 23 -30.28 -15.78 2.33
CA GLU A 23 -30.68 -17.20 2.53
C GLU A 23 -30.17 -18.03 1.35
N ASP A 24 -30.37 -17.55 0.12
CA ASP A 24 -29.96 -18.27 -1.11
C ASP A 24 -28.44 -18.49 -1.09
N LEU A 25 -27.69 -17.44 -0.78
CA LEU A 25 -26.20 -17.47 -0.71
C LEU A 25 -25.75 -18.45 0.37
N LEU A 26 -26.32 -18.39 1.58
CA LEU A 26 -25.93 -19.31 2.70
C LEU A 26 -26.20 -20.76 2.29
N ARG A 27 -27.23 -21.00 1.47
CA ARG A 27 -27.54 -22.34 0.91
C ARG A 27 -26.38 -22.78 -0.02
N VAL A 28 -25.93 -21.91 -0.91
CA VAL A 28 -24.83 -22.25 -1.86
C VAL A 28 -23.57 -22.52 -1.02
N ILE A 29 -23.30 -21.71 0.00
CA ILE A 29 -22.07 -21.87 0.84
C ILE A 29 -22.17 -23.20 1.61
N ARG A 30 -23.35 -23.56 2.11
CA ARG A 30 -23.46 -24.83 2.89
C ARG A 30 -23.13 -26.03 2.01
N ASP A 31 -23.54 -25.98 0.73
CA ASP A 31 -23.52 -27.11 -0.21
C ASP A 31 -22.15 -27.27 -0.89
N ASN A 32 -21.30 -26.25 -0.88
CA ASN A 32 -20.02 -26.23 -1.66
C ASN A 32 -18.86 -25.76 -0.79
N GLN A 33 -17.71 -26.42 -0.90
CA GLN A 33 -16.45 -26.04 -0.21
C GLN A 33 -16.02 -24.63 -0.67
N VAL A 34 -16.14 -24.36 -1.97
CA VAL A 34 -15.71 -23.07 -2.58
C VAL A 34 -16.87 -22.44 -3.32
N VAL A 35 -17.12 -21.16 -3.05
CA VAL A 35 -18.13 -20.36 -3.78
C VAL A 35 -17.46 -19.08 -4.28
N ILE A 36 -17.85 -18.63 -5.48
CA ILE A 36 -17.41 -17.32 -6.03
C ILE A 36 -18.58 -16.34 -5.91
N VAL A 37 -18.43 -15.31 -5.09
CA VAL A 37 -19.47 -14.24 -4.96
C VAL A 37 -19.03 -13.04 -5.78
N ILE A 38 -19.91 -12.64 -6.67
CA ILE A 38 -19.72 -11.55 -7.66
C ILE A 38 -20.78 -10.50 -7.37
N GLY A 39 -20.36 -9.26 -7.13
CA GLY A 39 -21.25 -8.11 -6.98
C GLY A 39 -20.47 -6.82 -7.05
N GLU A 40 -21.12 -5.78 -7.52
CA GLU A 40 -20.53 -4.43 -7.68
C GLU A 40 -20.04 -3.91 -6.34
N THR A 41 -19.03 -3.06 -6.38
CA THR A 41 -18.63 -2.26 -5.20
C THR A 41 -19.87 -1.58 -4.62
N GLY A 42 -20.11 -1.73 -3.33
CA GLY A 42 -21.27 -1.13 -2.63
C GLY A 42 -22.37 -2.14 -2.38
N SER A 43 -22.18 -3.39 -2.76
CA SER A 43 -23.22 -4.45 -2.68
C SER A 43 -23.41 -4.92 -1.24
N GLY A 44 -22.37 -4.79 -0.41
CA GLY A 44 -22.33 -5.30 0.97
C GLY A 44 -21.56 -6.61 1.10
N LYS A 45 -20.67 -6.93 0.16
CA LYS A 45 -19.83 -8.16 0.21
C LYS A 45 -18.99 -8.15 1.48
N THR A 46 -18.22 -7.07 1.72
CA THR A 46 -17.19 -7.05 2.78
C THR A 46 -17.83 -6.93 4.17
N THR A 47 -18.85 -6.06 4.31
CA THR A 47 -19.47 -5.81 5.65
C THR A 47 -20.44 -6.94 6.01
N GLN A 48 -21.05 -7.62 5.04
CA GLN A 48 -22.27 -8.42 5.31
C GLN A 48 -21.94 -9.91 5.33
N LEU A 49 -21.04 -10.40 4.46
CA LEU A 49 -20.74 -11.86 4.30
C LEU A 49 -20.27 -12.46 5.62
N THR A 50 -19.33 -11.81 6.32
CA THR A 50 -18.84 -12.30 7.63
C THR A 50 -20.05 -12.49 8.57
N GLN A 51 -20.93 -11.49 8.60
CA GLN A 51 -22.11 -11.48 9.51
C GLN A 51 -23.05 -12.63 9.13
N PHE A 52 -23.32 -12.84 7.84
CA PHE A 52 -24.13 -13.99 7.36
C PHE A 52 -23.52 -15.26 7.92
N LEU A 53 -22.20 -15.44 7.82
CA LEU A 53 -21.56 -16.71 8.25
C LEU A 53 -21.64 -16.81 9.77
N TYR A 54 -21.46 -15.68 10.46
CA TYR A 54 -21.56 -15.64 11.94
C TYR A 54 -22.95 -16.10 12.39
N GLU A 55 -24.00 -15.50 11.82
CA GLU A 55 -25.43 -15.73 12.15
C GLU A 55 -25.81 -17.16 11.76
N ASP A 56 -25.13 -17.80 10.80
CA ASP A 56 -25.43 -19.19 10.35
C ASP A 56 -24.54 -20.21 11.07
N GLY A 57 -23.70 -19.78 12.02
CA GLY A 57 -23.14 -20.67 13.06
C GLY A 57 -21.74 -21.17 12.75
N TYR A 58 -21.03 -20.53 11.81
CA TYR A 58 -19.67 -20.97 11.44
C TYR A 58 -18.68 -20.51 12.50
N GLY A 59 -19.06 -19.47 13.25
CA GLY A 59 -18.26 -18.91 14.35
C GLY A 59 -18.23 -19.82 15.57
N LYS A 60 -19.15 -20.79 15.64
CA LYS A 60 -19.21 -21.81 16.73
C LYS A 60 -17.86 -22.55 16.78
N THR A 61 -17.46 -23.14 15.63
CA THR A 61 -16.32 -24.09 15.50
C THR A 61 -14.97 -23.38 15.36
N GLY A 62 -14.94 -22.08 15.08
CA GLY A 62 -13.67 -21.35 14.85
C GLY A 62 -13.91 -20.05 14.12
N MET A 63 -12.84 -19.37 13.72
CA MET A 63 -12.87 -17.95 13.27
C MET A 63 -13.34 -17.84 11.82
N ILE A 64 -14.01 -16.73 11.54
CA ILE A 64 -14.41 -16.31 10.16
C ILE A 64 -13.40 -15.24 9.75
N GLY A 65 -12.51 -15.58 8.83
CA GLY A 65 -11.48 -14.67 8.31
C GLY A 65 -11.96 -14.00 7.04
N CYS A 66 -11.64 -12.74 6.88
CA CYS A 66 -11.83 -12.02 5.59
C CYS A 66 -10.54 -11.28 5.25
N THR A 67 -9.86 -11.71 4.19
CA THR A 67 -8.57 -11.15 3.72
C THR A 67 -8.88 -10.21 2.57
N GLN A 68 -8.15 -9.11 2.48
CA GLN A 68 -8.13 -8.31 1.24
C GLN A 68 -6.78 -7.60 1.09
N PRO A 69 -6.53 -7.08 -0.10
CA PRO A 69 -5.23 -6.47 -0.38
C PRO A 69 -4.97 -5.17 0.40
N ARG A 70 -5.98 -4.36 0.69
CA ARG A 70 -5.72 -2.95 1.15
C ARG A 70 -5.83 -2.84 2.68
N ARG A 71 -4.80 -2.31 3.33
CA ARG A 71 -4.80 -2.01 4.79
C ARG A 71 -6.03 -1.18 5.18
N VAL A 72 -6.30 -0.08 4.47
CA VAL A 72 -7.36 0.88 4.89
C VAL A 72 -8.73 0.20 4.83
N ALA A 73 -9.00 -0.59 3.79
CA ALA A 73 -10.25 -1.36 3.67
C ALA A 73 -10.40 -2.33 4.87
N ALA A 74 -9.37 -3.09 5.20
CA ALA A 74 -9.41 -4.06 6.33
C ALA A 74 -9.81 -3.33 7.64
N MET A 75 -9.10 -2.26 7.99
CA MET A 75 -9.24 -1.47 9.25
C MET A 75 -10.63 -0.86 9.35
N SER A 76 -11.00 -0.16 8.27
CA SER A 76 -12.27 0.60 8.13
C SER A 76 -13.46 -0.36 8.16
N VAL A 77 -13.46 -1.46 7.39
CA VAL A 77 -14.66 -2.34 7.40
C VAL A 77 -14.79 -3.02 8.77
N ALA A 78 -13.68 -3.41 9.39
CA ALA A 78 -13.69 -3.99 10.75
C ALA A 78 -14.45 -3.04 11.69
N LYS A 79 -14.09 -1.75 11.67
CA LYS A 79 -14.74 -0.71 12.52
C LYS A 79 -16.24 -0.69 12.22
N ARG A 80 -16.60 -0.61 10.94
CA ARG A 80 -18.02 -0.53 10.49
C ARG A 80 -18.78 -1.76 11.01
N VAL A 81 -18.21 -2.95 10.88
CA VAL A 81 -18.91 -4.22 11.25
C VAL A 81 -19.05 -4.33 12.77
N ALA A 82 -18.05 -3.91 13.52
CA ALA A 82 -18.13 -3.86 14.99
C ALA A 82 -19.29 -2.93 15.39
N GLU A 83 -19.43 -1.80 14.71
CA GLU A 83 -20.51 -0.81 14.99
C GLU A 83 -21.84 -1.45 14.65
N GLU A 84 -21.97 -2.05 13.46
CA GLU A 84 -23.20 -2.72 13.01
C GLU A 84 -23.61 -3.78 14.03
N MET A 85 -22.65 -4.51 14.61
CA MET A 85 -22.91 -5.65 15.52
C MET A 85 -22.95 -5.19 17.00
N GLU A 86 -22.71 -3.90 17.25
CA GLU A 86 -22.65 -3.34 18.63
C GLU A 86 -21.69 -4.15 19.50
N VAL A 87 -20.46 -4.36 19.03
CA VAL A 87 -19.36 -4.92 19.85
C VAL A 87 -18.19 -3.94 19.80
N LYS A 88 -17.36 -4.00 20.83
CA LYS A 88 -16.08 -3.26 20.93
C LYS A 88 -15.16 -3.78 19.81
N LEU A 89 -14.60 -2.87 19.01
CA LEU A 89 -13.61 -3.24 17.98
C LEU A 89 -12.44 -3.88 18.73
N GLY A 90 -11.99 -5.07 18.33
CA GLY A 90 -10.94 -5.81 19.04
C GLY A 90 -11.48 -7.01 19.78
N THR A 91 -12.79 -7.04 20.01
CA THR A 91 -13.47 -8.15 20.73
C THR A 91 -14.02 -9.11 19.65
N LEU A 92 -15.34 -9.27 19.56
CA LEU A 92 -16.01 -10.25 18.66
C LEU A 92 -15.58 -9.98 17.23
N VAL A 93 -15.47 -8.70 16.86
CA VAL A 93 -14.93 -8.26 15.55
C VAL A 93 -13.59 -7.59 15.79
N GLY A 94 -12.56 -8.00 15.05
CA GLY A 94 -11.19 -7.46 15.09
C GLY A 94 -10.58 -7.33 13.70
N TYR A 95 -9.38 -6.77 13.63
CA TYR A 95 -8.58 -6.82 12.39
C TYR A 95 -7.13 -7.11 12.74
N ALA A 96 -6.42 -7.69 11.78
CA ALA A 96 -4.96 -7.84 11.82
C ALA A 96 -4.37 -7.30 10.49
N ILE A 97 -3.47 -6.33 10.60
CA ILE A 97 -2.73 -5.74 9.45
C ILE A 97 -1.23 -5.87 9.75
N ARG A 98 -0.38 -5.52 8.79
CA ARG A 98 1.09 -5.74 8.84
C ARG A 98 1.65 -5.38 10.24
N PHE A 99 1.35 -4.18 10.74
CA PHE A 99 1.96 -3.62 11.96
C PHE A 99 0.91 -3.33 13.05
N GLU A 100 -0.20 -4.07 13.07
CA GLU A 100 -1.21 -3.95 14.15
C GLU A 100 -2.06 -5.21 14.21
N ASP A 101 -2.09 -5.83 15.39
CA ASP A 101 -3.01 -6.93 15.74
C ASP A 101 -4.06 -6.37 16.69
N CYS A 102 -5.27 -6.09 16.18
CA CYS A 102 -6.43 -5.59 16.94
C CYS A 102 -7.44 -6.73 17.08
N THR A 103 -7.02 -7.81 17.77
CA THR A 103 -7.86 -9.00 18.03
C THR A 103 -7.70 -9.42 19.48
N SER A 104 -8.51 -10.36 19.93
CA SER A 104 -8.39 -10.94 21.29
C SER A 104 -8.82 -12.40 21.19
N LYS A 105 -8.84 -13.12 22.33
CA LYS A 105 -9.31 -14.53 22.35
C LYS A 105 -10.81 -14.53 22.00
N GLU A 106 -11.50 -13.40 22.20
CA GLU A 106 -12.93 -13.17 21.87
C GLU A 106 -13.18 -13.17 20.36
N THR A 107 -12.17 -12.89 19.53
CA THR A 107 -12.40 -12.50 18.11
C THR A 107 -12.92 -13.72 17.33
N VAL A 108 -14.09 -13.57 16.74
CA VAL A 108 -14.65 -14.61 15.82
C VAL A 108 -14.55 -14.12 14.38
N ILE A 109 -14.87 -12.88 14.11
CA ILE A 109 -14.76 -12.30 12.74
C ILE A 109 -13.49 -11.47 12.75
N LYS A 110 -12.54 -11.82 11.89
CA LYS A 110 -11.24 -11.13 11.77
C LYS A 110 -11.04 -10.67 10.32
N TYR A 111 -10.97 -9.36 10.13
CA TYR A 111 -10.60 -8.73 8.85
C TYR A 111 -9.08 -8.64 8.81
N MET A 112 -8.45 -9.00 7.69
CA MET A 112 -6.98 -8.90 7.62
C MET A 112 -6.54 -8.55 6.21
N THR A 113 -5.28 -8.19 6.08
CA THR A 113 -4.62 -8.10 4.73
C THR A 113 -4.10 -9.48 4.33
N ASP A 114 -4.02 -9.71 3.03
CA ASP A 114 -3.52 -10.96 2.43
C ASP A 114 -2.20 -11.41 3.06
N GLY A 115 -1.27 -10.47 3.18
CA GLY A 115 0.06 -10.67 3.77
C GLY A 115 -0.01 -11.28 5.16
N VAL A 116 -0.97 -10.87 6.00
CA VAL A 116 -1.06 -11.34 7.41
C VAL A 116 -1.48 -12.82 7.37
N LEU A 117 -2.46 -13.18 6.55
CA LEU A 117 -2.96 -14.59 6.50
C LEU A 117 -1.85 -15.49 5.93
N LEU A 118 -1.14 -14.99 4.94
CA LEU A 118 0.01 -15.69 4.31
C LEU A 118 1.02 -16.02 5.42
N ARG A 119 1.35 -15.03 6.24
CA ARG A 119 2.37 -15.21 7.30
C ARG A 119 1.85 -16.20 8.34
N GLU A 120 0.55 -16.22 8.59
CA GLU A 120 -0.08 -17.17 9.54
C GLU A 120 0.09 -18.59 9.01
N SER A 121 0.01 -18.80 7.70
CA SER A 121 0.11 -20.15 7.10
C SER A 121 1.52 -20.74 7.29
N LEU A 122 2.55 -19.89 7.48
CA LEU A 122 3.92 -20.31 7.86
C LEU A 122 3.84 -21.36 8.97
N ASN A 123 3.26 -21.01 10.11
CA ASN A 123 3.29 -21.86 11.33
C ASN A 123 2.01 -22.68 11.38
N GLU A 124 0.98 -22.33 10.60
CA GLU A 124 -0.33 -23.05 10.58
C GLU A 124 -0.75 -23.32 9.13
N PRO A 125 -0.09 -24.26 8.42
CA PRO A 125 -0.36 -24.49 6.99
C PRO A 125 -1.80 -24.88 6.64
N ASP A 126 -2.56 -25.46 7.57
CA ASP A 126 -3.98 -25.82 7.29
C ASP A 126 -4.90 -24.71 7.79
N LEU A 127 -4.36 -23.62 8.35
CA LEU A 127 -5.13 -22.45 8.87
C LEU A 127 -6.23 -22.97 9.81
N ASP A 128 -5.80 -23.73 10.82
CA ASP A 128 -6.66 -24.58 11.69
C ASP A 128 -7.63 -23.71 12.47
N ARG A 129 -7.25 -22.48 12.84
CA ARG A 129 -8.11 -21.56 13.64
C ARG A 129 -9.38 -21.15 12.87
N TYR A 130 -9.39 -21.30 11.55
CA TYR A 130 -10.48 -20.77 10.69
C TYR A 130 -11.43 -21.87 10.26
N SER A 131 -12.72 -21.64 10.49
CA SER A 131 -13.86 -22.38 9.89
C SER A 131 -14.15 -21.86 8.48
N CYS A 132 -13.94 -20.57 8.23
CA CYS A 132 -14.28 -19.96 6.93
C CYS A 132 -13.21 -18.96 6.56
N ILE A 133 -12.94 -18.79 5.27
CA ILE A 133 -12.08 -17.67 4.77
C ILE A 133 -12.80 -17.05 3.58
N ILE A 134 -12.97 -15.73 3.66
CA ILE A 134 -13.45 -14.89 2.53
C ILE A 134 -12.21 -14.21 1.98
N MET A 135 -11.85 -14.55 0.74
CA MET A 135 -10.79 -13.86 -0.04
C MET A 135 -11.50 -12.78 -0.85
N ASP A 136 -11.49 -11.60 -0.30
CA ASP A 136 -12.26 -10.44 -0.76
C ASP A 136 -11.39 -9.68 -1.77
N GLU A 137 -12.03 -8.95 -2.67
CA GLU A 137 -11.37 -8.09 -3.68
C GLU A 137 -10.39 -8.92 -4.55
N ALA A 138 -10.70 -10.18 -4.85
CA ALA A 138 -9.84 -11.10 -5.63
C ALA A 138 -9.69 -10.57 -7.07
N HIS A 139 -10.63 -9.77 -7.58
CA HIS A 139 -10.57 -9.15 -8.94
C HIS A 139 -9.33 -8.24 -9.09
N GLU A 140 -8.74 -7.71 -8.03
CA GLU A 140 -7.54 -6.83 -8.18
C GLU A 140 -6.32 -7.67 -8.52
N ARG A 141 -6.39 -8.98 -8.31
CA ARG A 141 -5.27 -9.90 -8.66
C ARG A 141 -4.00 -9.36 -7.99
N ALA A 142 -4.09 -8.93 -6.73
CA ALA A 142 -2.89 -8.55 -5.96
C ALA A 142 -2.00 -9.79 -5.84
N LEU A 143 -0.70 -9.57 -5.86
CA LEU A 143 0.36 -10.59 -5.70
C LEU A 143 -0.05 -11.62 -4.61
N ASN A 144 -0.33 -11.16 -3.40
CA ASN A 144 -0.54 -12.05 -2.22
C ASN A 144 -1.88 -12.76 -2.29
N THR A 145 -2.85 -12.17 -2.98
CA THR A 145 -4.16 -12.79 -3.29
C THR A 145 -3.85 -14.01 -4.16
N ASP A 146 -3.03 -13.84 -5.19
CA ASP A 146 -2.64 -14.94 -6.13
C ASP A 146 -1.90 -16.01 -5.34
N VAL A 147 -0.98 -15.60 -4.43
CA VAL A 147 -0.22 -16.61 -3.63
C VAL A 147 -1.22 -17.38 -2.77
N LEU A 148 -2.23 -16.71 -2.20
CA LEU A 148 -3.21 -17.37 -1.29
C LEU A 148 -4.07 -18.36 -2.09
N MET A 149 -4.50 -18.01 -3.31
CA MET A 149 -5.35 -18.95 -4.10
C MET A 149 -4.57 -20.26 -4.33
N GLY A 150 -3.29 -20.13 -4.67
CA GLY A 150 -2.34 -21.23 -4.86
C GLY A 150 -2.21 -22.07 -3.61
N LEU A 151 -2.02 -21.44 -2.45
CA LEU A 151 -1.99 -22.15 -1.14
C LEU A 151 -3.32 -22.89 -0.92
N PHE A 152 -4.45 -22.22 -1.11
CA PHE A 152 -5.79 -22.79 -0.80
C PHE A 152 -6.09 -24.02 -1.67
N LYS A 153 -5.54 -24.08 -2.88
CA LYS A 153 -5.69 -25.27 -3.76
C LYS A 153 -5.26 -26.53 -2.98
N LYS A 154 -4.16 -26.44 -2.24
CA LYS A 154 -3.60 -27.58 -1.45
C LYS A 154 -4.39 -27.74 -0.15
N ILE A 155 -4.62 -26.64 0.57
CA ILE A 155 -5.30 -26.66 1.92
C ILE A 155 -6.66 -27.35 1.79
N LEU A 156 -7.44 -26.97 0.78
CA LEU A 156 -8.84 -27.43 0.54
C LEU A 156 -8.89 -28.96 0.35
N GLN A 157 -7.78 -29.56 -0.05
CA GLN A 157 -7.65 -31.04 -0.15
C GLN A 157 -7.51 -31.58 1.27
N ARG A 158 -6.54 -31.05 2.01
CA ARG A 158 -6.19 -31.55 3.36
C ARG A 158 -7.39 -31.34 4.27
N ARG A 159 -8.13 -30.25 4.09
CA ARG A 159 -9.29 -29.87 4.93
C ARG A 159 -10.57 -29.79 4.10
N ARG A 160 -11.53 -30.68 4.37
CA ARG A 160 -12.81 -30.73 3.63
C ARG A 160 -13.87 -29.96 4.42
N ASP A 161 -13.57 -29.46 5.62
CA ASP A 161 -14.58 -28.72 6.41
C ASP A 161 -14.53 -27.22 6.07
N LEU A 162 -13.36 -26.70 5.67
CA LEU A 162 -13.09 -25.25 5.43
C LEU A 162 -13.90 -24.74 4.23
N LYS A 163 -14.72 -23.71 4.46
CA LYS A 163 -15.41 -22.93 3.40
C LYS A 163 -14.47 -21.84 2.88
N LEU A 164 -14.21 -21.82 1.59
CA LEU A 164 -13.53 -20.68 0.89
C LEU A 164 -14.57 -19.93 0.05
N ILE A 165 -14.72 -18.63 0.32
CA ILE A 165 -15.58 -17.71 -0.45
C ILE A 165 -14.62 -16.73 -1.14
N ILE A 166 -14.70 -16.67 -2.47
CA ILE A 166 -13.90 -15.70 -3.25
C ILE A 166 -14.87 -14.61 -3.64
N THR A 167 -14.52 -13.36 -3.36
CA THR A 167 -15.36 -12.20 -3.66
C THR A 167 -14.75 -11.46 -4.83
N SER A 168 -15.59 -10.91 -5.69
CA SER A 168 -15.12 -10.22 -6.92
C SER A 168 -16.12 -9.15 -7.29
N ALA A 169 -15.62 -7.97 -7.67
CA ALA A 169 -16.38 -7.02 -8.50
C ALA A 169 -16.62 -7.73 -9.85
N THR A 170 -17.44 -7.18 -10.73
CA THR A 170 -17.95 -7.94 -11.91
C THR A 170 -16.81 -8.26 -12.87
N MET A 171 -15.93 -7.29 -13.11
CA MET A 171 -14.82 -7.47 -14.08
C MET A 171 -13.76 -8.39 -13.47
N ASN A 172 -13.16 -9.25 -14.34
CA ASN A 172 -11.99 -10.12 -14.06
C ASN A 172 -12.38 -11.11 -12.97
N SER A 173 -13.62 -11.60 -13.07
CA SER A 173 -14.32 -12.44 -12.06
C SER A 173 -14.54 -13.88 -12.53
N LYS A 174 -14.37 -14.16 -13.83
CA LYS A 174 -14.92 -15.40 -14.45
C LYS A 174 -13.91 -16.55 -14.46
N ARG A 175 -12.66 -16.36 -14.04
CA ARG A 175 -11.62 -17.44 -14.06
C ARG A 175 -11.51 -18.13 -12.68
N PHE A 176 -12.00 -17.50 -11.63
CA PHE A 176 -11.92 -18.07 -10.25
C PHE A 176 -12.65 -19.43 -10.17
N SER A 177 -13.81 -19.55 -10.80
CA SER A 177 -14.62 -20.79 -10.72
C SER A 177 -13.79 -21.96 -11.23
N ASP A 178 -13.25 -21.84 -12.45
CA ASP A 178 -12.45 -22.90 -13.12
C ASP A 178 -11.22 -23.25 -12.30
N PHE A 179 -10.52 -22.25 -11.79
CA PHE A 179 -9.31 -22.46 -10.95
C PHE A 179 -9.65 -23.35 -9.74
N PHE A 180 -10.84 -23.23 -9.15
CA PHE A 180 -11.27 -24.03 -7.97
C PHE A 180 -12.23 -25.16 -8.39
N GLY A 181 -11.93 -25.82 -9.51
CA GLY A 181 -12.59 -27.05 -9.96
C GLY A 181 -14.07 -26.85 -10.28
N GLY A 182 -14.43 -25.70 -10.85
CA GLY A 182 -15.83 -25.41 -11.24
C GLY A 182 -16.68 -25.01 -10.05
N ALA A 183 -16.10 -24.26 -9.10
CA ALA A 183 -16.83 -23.67 -7.96
C ALA A 183 -18.04 -22.93 -8.49
N PRO A 184 -19.19 -23.02 -7.78
CA PRO A 184 -20.36 -22.24 -8.14
C PRO A 184 -20.14 -20.73 -8.00
N GLU A 185 -20.72 -19.98 -8.93
CA GLU A 185 -20.78 -18.50 -8.91
C GLU A 185 -22.15 -18.06 -8.40
N PHE A 186 -22.18 -17.04 -7.57
CA PHE A 186 -23.41 -16.40 -7.05
C PHE A 186 -23.27 -14.90 -7.32
N THR A 187 -24.17 -14.33 -8.12
CA THR A 187 -24.16 -12.89 -8.47
C THR A 187 -25.20 -12.16 -7.62
N ILE A 188 -24.76 -11.09 -6.97
CA ILE A 188 -25.61 -10.06 -6.30
C ILE A 188 -25.94 -9.05 -7.41
N PRO A 189 -27.21 -8.88 -7.83
CA PRO A 189 -27.51 -7.97 -8.91
C PRO A 189 -27.19 -6.54 -8.48
N GLY A 190 -26.89 -5.71 -9.48
CA GLY A 190 -26.43 -4.33 -9.28
C GLY A 190 -27.48 -3.35 -9.73
N ARG A 191 -27.33 -2.11 -9.27
CA ARG A 191 -28.16 -0.93 -9.64
C ARG A 191 -27.16 0.20 -9.90
N THR A 192 -26.91 0.50 -11.18
CA THR A 192 -26.01 1.62 -11.54
C THR A 192 -26.72 2.56 -12.50
N PHE A 193 -26.59 3.83 -12.21
CA PHE A 193 -27.09 4.93 -13.07
C PHE A 193 -26.10 5.09 -14.20
N PRO A 194 -26.56 5.55 -15.37
CA PRO A 194 -25.67 5.95 -16.44
C PRO A 194 -24.81 7.10 -15.92
N VAL A 195 -23.50 7.04 -16.19
CA VAL A 195 -22.57 8.12 -15.80
C VAL A 195 -22.11 8.84 -17.08
N ASP A 196 -22.22 10.16 -17.07
CA ASP A 196 -21.75 11.08 -18.15
C ASP A 196 -20.21 11.14 -18.11
N ILE A 197 -19.56 10.48 -19.06
CA ILE A 197 -18.07 10.39 -19.09
C ILE A 197 -17.53 11.47 -20.02
N LEU A 198 -16.77 12.42 -19.46
CA LEU A 198 -16.22 13.60 -20.18
C LEU A 198 -14.72 13.44 -20.29
N PHE A 199 -14.19 13.42 -21.51
CA PHE A 199 -12.74 13.34 -21.74
C PHE A 199 -12.22 14.77 -21.93
N HIS A 200 -11.01 15.03 -21.44
CA HIS A 200 -10.31 16.32 -21.64
C HIS A 200 -10.06 16.54 -23.15
N ARG A 201 -10.15 17.78 -23.62
CA ARG A 201 -10.03 18.09 -25.07
C ARG A 201 -8.58 17.89 -25.52
N SER A 202 -7.63 18.19 -24.63
CA SER A 202 -6.17 18.12 -24.90
C SER A 202 -5.47 17.29 -23.83
N PRO A 203 -4.31 16.67 -24.15
CA PRO A 203 -3.51 15.98 -23.13
C PRO A 203 -3.22 16.95 -21.98
N VAL A 204 -3.12 16.39 -20.78
CA VAL A 204 -2.96 17.19 -19.53
C VAL A 204 -1.51 17.05 -19.06
N GLU A 205 -0.78 18.17 -19.03
CA GLU A 205 0.59 18.24 -18.47
C GLU A 205 0.47 18.13 -16.94
N ASP A 206 -0.18 19.10 -16.30
CA ASP A 206 -0.19 19.26 -14.81
C ASP A 206 -1.51 18.70 -14.28
N TYR A 207 -1.57 17.40 -14.03
CA TYR A 207 -2.87 16.74 -13.74
C TYR A 207 -3.35 17.23 -12.35
N VAL A 208 -2.42 17.59 -11.46
CA VAL A 208 -2.78 18.19 -10.13
C VAL A 208 -3.49 19.53 -10.35
N ASP A 209 -2.87 20.45 -11.09
CA ASP A 209 -3.49 21.77 -11.38
C ASP A 209 -4.89 21.55 -11.97
N GLN A 210 -5.00 20.71 -13.00
CA GLN A 210 -6.26 20.51 -13.76
C GLN A 210 -7.29 19.82 -12.88
N ALA A 211 -6.86 18.89 -12.02
CA ALA A 211 -7.76 18.23 -11.03
C ALA A 211 -8.41 19.33 -10.19
N VAL A 212 -7.62 20.26 -9.67
CA VAL A 212 -8.11 21.33 -8.76
C VAL A 212 -9.08 22.23 -9.52
N GLN A 213 -8.73 22.67 -10.73
CA GLN A 213 -9.63 23.47 -11.58
C GLN A 213 -10.95 22.73 -11.78
N GLN A 214 -10.93 21.40 -11.99
CA GLN A 214 -12.17 20.64 -12.25
C GLN A 214 -12.97 20.50 -10.94
N VAL A 215 -12.31 20.27 -9.81
CA VAL A 215 -12.98 20.21 -8.47
C VAL A 215 -13.77 21.50 -8.26
N LEU A 216 -13.14 22.67 -8.44
CA LEU A 216 -13.76 23.97 -8.10
C LEU A 216 -14.81 24.37 -9.14
N ALA A 217 -14.69 23.95 -10.41
CA ALA A 217 -15.74 24.16 -11.44
C ALA A 217 -17.01 23.39 -11.04
N ILE A 218 -16.84 22.14 -10.55
CA ILE A 218 -17.99 21.31 -10.12
C ILE A 218 -18.60 22.01 -8.90
N HIS A 219 -17.75 22.39 -7.96
CA HIS A 219 -18.18 22.89 -6.63
C HIS A 219 -19.07 24.12 -6.80
N VAL A 220 -18.65 25.07 -7.63
CA VAL A 220 -19.38 26.38 -7.71
C VAL A 220 -20.58 26.23 -8.64
N SER A 221 -20.62 25.25 -9.54
CA SER A 221 -21.60 25.29 -10.65
C SER A 221 -22.67 24.20 -10.51
N LYS A 222 -22.37 23.09 -9.84
CA LYS A 222 -23.18 21.87 -9.95
C LYS A 222 -24.09 21.76 -8.75
N PRO A 223 -25.21 21.03 -8.90
CA PRO A 223 -26.08 20.72 -7.79
C PRO A 223 -25.38 19.80 -6.78
N ALA A 224 -26.04 19.56 -5.66
CA ALA A 224 -25.52 18.81 -4.50
C ALA A 224 -24.98 17.45 -4.98
N GLY A 225 -23.96 16.95 -4.28
CA GLY A 225 -23.35 15.67 -4.61
C GLY A 225 -21.86 15.75 -4.39
N ASP A 226 -21.29 14.72 -3.76
CA ASP A 226 -19.88 14.71 -3.31
C ASP A 226 -18.96 14.41 -4.50
N ILE A 227 -17.71 14.84 -4.36
CA ILE A 227 -16.66 14.68 -5.39
C ILE A 227 -15.67 13.63 -4.91
N LEU A 228 -15.27 12.76 -5.83
CA LEU A 228 -14.19 11.75 -5.61
C LEU A 228 -13.10 12.02 -6.65
N VAL A 229 -11.91 12.37 -6.20
CA VAL A 229 -10.74 12.68 -7.06
C VAL A 229 -9.78 11.49 -6.95
N PHE A 230 -9.43 10.88 -8.09
CA PHE A 230 -8.43 9.78 -8.14
C PHE A 230 -7.05 10.36 -8.43
N MET A 231 -6.20 10.37 -7.40
CA MET A 231 -4.76 10.75 -7.47
C MET A 231 -3.95 9.45 -7.32
N THR A 232 -2.66 9.51 -6.96
CA THR A 232 -1.76 8.35 -7.04
C THR A 232 -1.16 8.00 -5.68
N GLY A 233 -0.92 8.97 -4.80
CA GLY A 233 -0.23 8.69 -3.53
C GLY A 233 -0.42 9.82 -2.56
N GLN A 234 0.03 9.61 -1.32
CA GLN A 234 0.04 10.66 -0.27
C GLN A 234 0.56 11.98 -0.85
N GLU A 235 1.59 11.90 -1.68
CA GLU A 235 2.38 13.06 -2.16
C GLU A 235 1.48 13.96 -3.02
N ASP A 236 0.93 13.47 -4.15
CA ASP A 236 0.08 14.31 -5.05
C ASP A 236 -1.27 14.57 -4.34
N ILE A 237 -1.68 13.70 -3.41
CA ILE A 237 -2.93 13.91 -2.62
C ILE A 237 -2.78 15.15 -1.72
N GLU A 238 -1.66 15.28 -1.02
CA GLU A 238 -1.49 16.41 -0.05
C GLU A 238 -1.40 17.70 -0.82
N VAL A 239 -0.69 17.69 -1.95
CA VAL A 239 -0.54 18.89 -2.82
C VAL A 239 -1.93 19.27 -3.34
N THR A 240 -2.72 18.29 -3.80
CA THR A 240 -4.09 18.52 -4.34
C THR A 240 -4.98 19.15 -3.24
N CYS A 241 -5.00 18.57 -2.05
CA CYS A 241 -5.82 19.06 -0.91
C CYS A 241 -5.42 20.51 -0.59
N GLU A 242 -4.11 20.79 -0.56
CA GLU A 242 -3.57 22.12 -0.19
C GLU A 242 -3.99 23.15 -1.23
N LEU A 243 -3.87 22.81 -2.52
CA LEU A 243 -4.22 23.71 -3.65
C LEU A 243 -5.75 23.89 -3.71
N ILE A 244 -6.55 22.87 -3.43
CA ILE A 244 -8.01 23.06 -3.34
C ILE A 244 -8.31 24.10 -2.25
N GLN A 245 -7.74 23.95 -1.06
CA GLN A 245 -8.00 24.92 0.04
C GLN A 245 -7.55 26.32 -0.39
N GLU A 246 -6.36 26.43 -0.96
CA GLU A 246 -5.79 27.74 -1.38
C GLU A 246 -6.77 28.44 -2.33
N ARG A 247 -7.11 27.79 -3.44
CA ARG A 247 -7.99 28.37 -4.50
C ARG A 247 -9.42 28.59 -3.97
N LEU A 248 -9.94 27.66 -3.14
CA LEU A 248 -11.26 27.80 -2.50
C LEU A 248 -11.31 29.10 -1.69
N ALA A 249 -10.32 29.31 -0.82
CA ALA A 249 -10.25 30.48 0.09
C ALA A 249 -10.12 31.79 -0.70
N ALA A 250 -9.63 31.74 -1.94
CA ALA A 250 -9.44 32.90 -2.84
C ALA A 250 -10.72 33.23 -3.59
N LEU A 251 -11.66 32.30 -3.74
CA LEU A 251 -12.95 32.55 -4.45
C LEU A 251 -13.82 33.49 -3.61
N ASN A 252 -14.84 34.06 -4.24
CA ASN A 252 -15.77 35.02 -3.56
C ASN A 252 -16.97 34.23 -3.07
N ASP A 253 -17.06 34.05 -1.74
CA ASP A 253 -18.21 33.47 -1.02
C ASP A 253 -18.64 32.15 -1.65
N PRO A 254 -17.71 31.18 -1.84
CA PRO A 254 -18.10 29.86 -2.35
C PRO A 254 -18.84 29.11 -1.25
N PRO A 255 -19.64 28.08 -1.59
CA PRO A 255 -20.23 27.22 -0.57
C PRO A 255 -19.08 26.50 0.12
N LYS A 256 -19.34 25.99 1.31
CA LYS A 256 -18.35 25.25 2.13
C LYS A 256 -17.94 23.98 1.37
N LEU A 257 -16.68 23.56 1.52
CA LEU A 257 -16.22 22.27 0.96
C LEU A 257 -15.42 21.57 2.05
N SER A 258 -15.74 20.30 2.33
CA SER A 258 -14.94 19.47 3.25
C SER A 258 -14.00 18.59 2.41
N VAL A 259 -12.69 18.83 2.50
CA VAL A 259 -11.64 18.16 1.68
C VAL A 259 -10.97 17.09 2.54
N LEU A 260 -11.03 15.82 2.12
CA LEU A 260 -10.60 14.64 2.92
C LEU A 260 -9.71 13.72 2.08
N PRO A 261 -8.47 13.42 2.51
CA PRO A 261 -7.61 12.51 1.76
C PRO A 261 -7.86 11.03 2.15
N ILE A 262 -7.56 10.12 1.23
CA ILE A 262 -7.49 8.65 1.48
C ILE A 262 -6.20 8.12 0.87
N TYR A 263 -5.29 7.56 1.68
CA TYR A 263 -4.03 6.94 1.21
C TYR A 263 -3.66 5.79 2.16
N SER A 264 -2.88 4.85 1.66
CA SER A 264 -2.66 3.51 2.27
C SER A 264 -2.22 3.64 3.73
N GLN A 265 -1.33 4.58 4.03
CA GLN A 265 -0.71 4.73 5.37
C GLN A 265 -1.49 5.64 6.32
N MET A 266 -2.67 6.14 5.92
CA MET A 266 -3.42 7.13 6.74
C MET A 266 -3.78 6.52 8.10
N PRO A 267 -3.78 7.31 9.20
CA PRO A 267 -4.19 6.78 10.50
C PRO A 267 -5.72 6.61 10.61
N ALA A 268 -6.17 5.83 11.59
CA ALA A 268 -7.59 5.47 11.77
C ALA A 268 -8.47 6.73 11.87
N ASP A 269 -7.95 7.79 12.51
CA ASP A 269 -8.74 9.02 12.79
C ASP A 269 -9.05 9.71 11.46
N LEU A 270 -8.14 9.64 10.49
CA LEU A 270 -8.39 10.24 9.15
C LEU A 270 -9.35 9.35 8.36
N GLN A 271 -9.28 8.03 8.53
CA GLN A 271 -10.20 7.07 7.84
C GLN A 271 -11.64 7.39 8.27
N ALA A 272 -11.87 7.59 9.57
CA ALA A 272 -13.24 7.73 10.14
C ALA A 272 -13.92 8.95 9.51
N LYS A 273 -13.14 9.99 9.23
CA LYS A 273 -13.61 11.28 8.68
C LYS A 273 -14.30 11.05 7.34
N ILE A 274 -13.83 10.13 6.49
CA ILE A 274 -14.38 10.07 5.11
C ILE A 274 -15.85 9.60 5.17
N PHE A 275 -16.23 8.83 6.20
CA PHE A 275 -17.60 8.26 6.29
C PHE A 275 -18.58 9.20 7.03
N ASP A 276 -18.09 10.22 7.72
CA ASP A 276 -18.96 11.18 8.42
C ASP A 276 -19.80 11.94 7.38
N ARG A 277 -21.12 12.03 7.61
CA ARG A 277 -22.01 12.96 6.87
C ARG A 277 -21.57 14.39 7.23
N ALA A 278 -21.39 15.28 6.25
CA ALA A 278 -21.05 16.70 6.51
C ALA A 278 -22.29 17.40 7.01
N PRO A 279 -22.19 18.59 7.65
CA PRO A 279 -23.37 19.42 7.92
C PRO A 279 -24.18 19.62 6.64
N PRO A 280 -25.50 19.86 6.75
CA PRO A 280 -26.33 20.07 5.55
C PRO A 280 -25.84 21.32 4.82
N GLY A 281 -25.90 21.31 3.48
CA GLY A 281 -25.38 22.41 2.65
C GLY A 281 -23.86 22.34 2.43
N VAL A 282 -23.15 21.39 3.04
CA VAL A 282 -21.66 21.23 2.85
C VAL A 282 -21.37 20.10 1.85
N ARG A 283 -20.60 20.40 0.79
CA ARG A 283 -20.11 19.35 -0.14
C ARG A 283 -18.83 18.69 0.42
N LYS A 284 -18.67 17.39 0.20
CA LYS A 284 -17.41 16.66 0.46
C LYS A 284 -16.63 16.45 -0.83
N CYS A 285 -15.31 16.63 -0.75
CA CYS A 285 -14.34 16.31 -1.82
C CYS A 285 -13.32 15.31 -1.27
N ILE A 286 -13.43 14.05 -1.70
CA ILE A 286 -12.56 12.94 -1.23
C ILE A 286 -11.41 12.87 -2.23
N VAL A 287 -10.18 13.06 -1.78
CA VAL A 287 -8.99 12.97 -2.68
C VAL A 287 -8.23 11.70 -2.32
N ALA A 288 -8.35 10.68 -3.17
CA ALA A 288 -7.99 9.28 -2.87
C ALA A 288 -7.06 8.70 -3.93
N THR A 289 -6.35 7.65 -3.57
CA THR A 289 -5.75 6.67 -4.49
C THR A 289 -6.85 5.69 -4.98
N ASN A 290 -6.44 4.68 -5.73
CA ASN A 290 -7.34 3.63 -6.23
C ASN A 290 -7.82 2.71 -5.08
N ILE A 291 -7.49 3.00 -3.83
CA ILE A 291 -8.28 2.45 -2.67
C ILE A 291 -9.77 2.65 -2.95
N ALA A 292 -10.16 3.80 -3.52
CA ALA A 292 -11.57 4.19 -3.76
C ALA A 292 -12.10 3.67 -5.10
N GLU A 293 -11.37 2.78 -5.77
CA GLU A 293 -11.85 2.17 -7.03
C GLU A 293 -12.86 1.06 -6.72
N THR A 294 -12.49 0.06 -5.91
CA THR A 294 -13.42 -1.05 -5.58
C THR A 294 -13.42 -1.37 -4.10
N SER A 295 -12.42 -0.95 -3.33
CA SER A 295 -12.16 -1.54 -1.98
C SER A 295 -13.11 -0.94 -0.94
N LEU A 296 -13.57 0.30 -1.16
CA LEU A 296 -14.51 0.95 -0.22
C LEU A 296 -15.34 1.99 -0.97
N THR A 297 -16.49 2.29 -0.36
CA THR A 297 -17.51 3.22 -0.90
C THR A 297 -17.67 4.39 0.06
N VAL A 298 -17.84 5.60 -0.49
CA VAL A 298 -18.24 6.80 0.28
C VAL A 298 -19.62 7.16 -0.24
N ASP A 299 -20.59 7.22 0.68
CA ASP A 299 -22.00 7.52 0.31
C ASP A 299 -22.00 8.90 -0.38
N GLY A 300 -22.80 9.05 -1.42
CA GLY A 300 -23.25 10.34 -1.96
C GLY A 300 -22.38 10.90 -3.09
N ILE A 301 -21.44 10.12 -3.63
CA ILE A 301 -20.54 10.60 -4.72
C ILE A 301 -21.40 10.78 -5.97
N MET A 302 -21.28 11.95 -6.61
CA MET A 302 -21.97 12.27 -7.88
C MET A 302 -20.97 12.73 -8.94
N TYR A 303 -19.75 13.09 -8.56
CA TYR A 303 -18.70 13.60 -9.49
C TYR A 303 -17.39 12.88 -9.19
N VAL A 304 -16.79 12.35 -10.26
CA VAL A 304 -15.45 11.74 -10.23
C VAL A 304 -14.52 12.61 -11.06
N VAL A 305 -13.32 12.84 -10.57
CA VAL A 305 -12.21 13.44 -11.36
C VAL A 305 -11.09 12.40 -11.41
N ASP A 306 -10.72 11.94 -12.62
CA ASP A 306 -9.80 10.80 -12.80
C ASP A 306 -8.52 11.30 -13.48
N CYS A 307 -7.38 11.30 -12.77
CA CYS A 307 -6.04 11.67 -13.29
C CYS A 307 -5.57 10.66 -14.36
N GLY A 308 -6.05 9.42 -14.35
CA GLY A 308 -5.65 8.41 -15.35
C GLY A 308 -4.45 7.58 -14.93
N TYR A 309 -3.96 7.75 -13.70
CA TYR A 309 -2.67 7.17 -13.23
C TYR A 309 -2.82 6.41 -11.92
N SER A 310 -1.92 5.47 -11.70
CA SER A 310 -1.62 4.90 -10.37
C SER A 310 -0.10 4.97 -10.20
N LYS A 311 0.37 4.90 -8.96
CA LYS A 311 1.83 4.98 -8.67
C LYS A 311 2.27 3.59 -8.24
N LEU A 312 3.24 3.02 -8.95
CA LEU A 312 3.75 1.61 -8.76
C LEU A 312 5.27 1.60 -8.83
N LYS A 313 5.86 0.62 -8.16
CA LYS A 313 7.30 0.27 -8.24
C LYS A 313 7.41 -0.78 -9.34
N VAL A 314 7.94 -0.40 -10.51
CA VAL A 314 7.93 -1.28 -11.71
C VAL A 314 9.31 -1.30 -12.38
N TYR A 315 9.67 -2.43 -13.00
CA TYR A 315 10.88 -2.56 -13.83
C TYR A 315 10.92 -1.45 -14.90
N ASN A 316 12.06 -0.74 -14.99
CA ASN A 316 12.33 0.40 -15.90
C ASN A 316 13.45 -0.01 -16.86
N PRO A 317 13.17 -0.22 -18.18
CA PRO A 317 14.23 -0.53 -19.16
C PRO A 317 15.43 0.44 -19.19
N ARG A 318 15.18 1.76 -19.05
CA ARG A 318 16.28 2.77 -19.07
C ARG A 318 17.18 2.59 -17.84
N MET A 319 16.76 1.79 -16.86
CA MET A 319 17.47 1.62 -15.55
C MET A 319 17.96 0.18 -15.35
N GLY A 320 17.32 -0.83 -15.96
CA GLY A 320 17.57 -2.27 -15.68
C GLY A 320 17.27 -2.63 -14.23
N MET A 321 16.34 -1.91 -13.58
CA MET A 321 15.92 -2.17 -12.17
C MET A 321 14.61 -1.44 -11.90
N ASP A 322 14.07 -1.58 -10.69
CA ASP A 322 12.79 -0.96 -10.25
C ASP A 322 12.91 0.57 -10.20
N THR A 323 11.82 1.25 -10.53
CA THR A 323 11.61 2.70 -10.34
C THR A 323 10.18 2.90 -9.88
N LEU A 324 10.00 3.69 -8.82
CA LEU A 324 8.67 4.17 -8.36
C LEU A 324 8.23 5.24 -9.36
N GLN A 325 7.11 4.99 -10.04
CA GLN A 325 6.63 5.91 -11.10
C GLN A 325 5.11 5.89 -11.19
N ILE A 326 4.55 7.02 -11.63
CA ILE A 326 3.11 7.10 -12.03
C ILE A 326 3.02 6.35 -13.35
N THR A 327 1.95 5.58 -13.57
CA THR A 327 1.77 4.79 -14.80
C THR A 327 0.29 4.83 -15.17
N PRO A 328 -0.03 4.84 -16.49
CA PRO A 328 -1.42 4.90 -16.92
C PRO A 328 -2.19 3.68 -16.42
N ILE A 329 -3.45 3.91 -16.05
CA ILE A 329 -4.38 2.83 -15.62
C ILE A 329 -4.84 2.09 -16.88
N SER A 330 -5.46 0.93 -16.68
CA SER A 330 -6.19 0.22 -17.75
C SER A 330 -7.55 0.88 -18.04
N GLN A 331 -8.13 0.56 -19.19
CA GLN A 331 -9.50 0.99 -19.55
C GLN A 331 -10.47 0.35 -18.53
N ALA A 332 -10.18 -0.85 -18.02
CA ALA A 332 -11.00 -1.49 -16.97
C ALA A 332 -10.99 -0.60 -15.72
N ASN A 333 -9.80 -0.19 -15.24
CA ASN A 333 -9.67 0.69 -14.05
C ASN A 333 -10.48 1.97 -14.24
N ALA A 334 -10.42 2.53 -15.45
CA ALA A 334 -11.08 3.80 -15.83
C ALA A 334 -12.59 3.66 -15.74
N ALA A 335 -13.14 2.52 -16.18
CA ALA A 335 -14.58 2.21 -16.09
C ALA A 335 -14.94 2.18 -14.61
N GLN A 336 -14.17 1.46 -13.80
CA GLN A 336 -14.44 1.33 -12.35
C GLN A 336 -14.44 2.71 -11.69
N ARG A 337 -13.41 3.50 -11.96
CA ARG A 337 -13.30 4.88 -11.39
C ARG A 337 -14.56 5.67 -11.75
N ALA A 338 -14.97 5.66 -13.00
CA ALA A 338 -16.15 6.43 -13.47
C ALA A 338 -17.41 5.91 -12.78
N GLY A 339 -17.52 4.58 -12.61
CA GLY A 339 -18.67 3.95 -11.95
C GLY A 339 -18.94 4.45 -10.53
N ARG A 340 -17.94 4.99 -9.82
CA ARG A 340 -18.17 5.49 -8.43
C ARG A 340 -19.15 6.68 -8.43
N ALA A 341 -19.40 7.31 -9.58
CA ALA A 341 -20.34 8.44 -9.69
C ALA A 341 -21.71 7.95 -10.19
N GLY A 342 -21.99 6.65 -10.11
CA GLY A 342 -23.27 6.10 -10.63
C GLY A 342 -24.08 5.35 -9.58
N ARG A 343 -23.83 5.58 -8.29
CA ARG A 343 -24.50 4.80 -7.20
C ARG A 343 -25.69 5.57 -6.62
N THR A 344 -25.62 6.90 -6.56
CA THR A 344 -26.62 7.76 -5.86
C THR A 344 -27.59 8.37 -6.87
N GLY A 345 -27.10 8.62 -8.08
CA GLY A 345 -27.87 9.18 -9.20
C GLY A 345 -27.01 9.18 -10.46
N PRO A 346 -27.51 9.75 -11.57
CA PRO A 346 -26.73 9.82 -12.80
C PRO A 346 -25.63 10.89 -12.71
N GLY A 347 -24.46 10.50 -12.23
CA GLY A 347 -23.33 11.40 -11.98
C GLY A 347 -22.47 11.64 -13.20
N GLN A 348 -21.36 12.36 -13.01
CA GLN A 348 -20.36 12.66 -14.07
C GLN A 348 -18.96 12.19 -13.69
N ALA A 349 -18.19 11.76 -14.67
CA ALA A 349 -16.76 11.38 -14.55
C ALA A 349 -15.98 12.26 -15.53
N TYR A 350 -15.08 13.08 -14.99
CA TYR A 350 -14.14 13.95 -15.73
C TYR A 350 -12.80 13.23 -15.82
N ARG A 351 -12.46 12.77 -17.03
CA ARG A 351 -11.15 12.13 -17.30
C ARG A 351 -10.16 13.19 -17.76
N LEU A 352 -9.08 13.34 -16.99
CA LEU A 352 -7.97 14.29 -17.26
C LEU A 352 -7.01 13.68 -18.30
N TYR A 353 -7.57 13.25 -19.42
CA TYR A 353 -6.88 12.58 -20.54
C TYR A 353 -7.87 12.45 -21.69
N THR A 354 -7.40 12.32 -22.94
CA THR A 354 -8.24 12.45 -24.14
C THR A 354 -8.82 11.06 -24.49
N GLU A 355 -9.86 11.01 -25.32
CA GLU A 355 -10.37 9.72 -25.88
C GLU A 355 -9.21 8.99 -26.55
N LYS A 356 -8.41 9.73 -27.33
CA LYS A 356 -7.26 9.15 -28.05
C LYS A 356 -6.35 8.45 -27.03
N GLN A 357 -5.98 9.15 -25.96
CA GLN A 357 -5.06 8.59 -24.94
C GLN A 357 -5.71 7.34 -24.34
N PHE A 358 -7.02 7.36 -24.17
CA PHE A 358 -7.79 6.22 -23.60
C PHE A 358 -7.75 5.05 -24.59
N ARG A 359 -7.92 5.29 -25.89
CA ARG A 359 -7.89 4.20 -26.93
C ARG A 359 -6.47 3.64 -27.13
N ASP A 360 -5.44 4.50 -27.18
CA ASP A 360 -4.10 4.11 -27.70
C ASP A 360 -3.06 3.89 -26.60
N GLU A 361 -3.17 4.60 -25.47
CA GLU A 361 -2.11 4.61 -24.42
C GLU A 361 -2.53 3.76 -23.22
N MET A 362 -3.78 3.29 -23.19
CA MET A 362 -4.33 2.55 -22.02
C MET A 362 -4.73 1.15 -22.49
N TYR A 363 -4.12 0.13 -21.90
CA TYR A 363 -4.42 -1.30 -22.22
C TYR A 363 -5.86 -1.54 -21.80
N MET A 364 -6.53 -2.51 -22.39
CA MET A 364 -7.93 -2.84 -22.01
C MET A 364 -7.95 -3.31 -20.55
N GLN A 365 -7.01 -4.18 -20.17
CA GLN A 365 -6.95 -4.80 -18.80
C GLN A 365 -5.59 -4.50 -18.15
N THR A 366 -5.58 -4.49 -16.82
CA THR A 366 -4.35 -4.57 -16.00
C THR A 366 -3.82 -6.01 -16.05
N ILE A 367 -2.52 -6.13 -16.28
CA ILE A 367 -1.75 -7.40 -16.13
C ILE A 367 -1.73 -7.72 -14.65
N PRO A 368 -1.97 -8.98 -14.28
CA PRO A 368 -1.87 -9.38 -12.88
C PRO A 368 -0.52 -8.97 -12.30
N GLU A 369 -0.54 -8.49 -11.07
CA GLU A 369 0.67 -8.02 -10.32
C GLU A 369 1.81 -9.06 -10.38
N ILE A 370 1.51 -10.35 -10.25
CA ILE A 370 2.49 -11.49 -10.25
C ILE A 370 3.38 -11.43 -11.49
N GLN A 371 2.88 -10.86 -12.58
CA GLN A 371 3.58 -10.80 -13.90
C GLN A 371 4.26 -9.46 -14.14
N ARG A 372 4.19 -8.49 -13.21
CA ARG A 372 4.79 -7.15 -13.47
C ARG A 372 5.41 -6.55 -12.19
N THR A 373 5.78 -7.39 -11.23
CA THR A 373 6.29 -6.92 -9.92
C THR A 373 7.54 -7.68 -9.51
N ASN A 374 8.38 -7.05 -8.70
CA ASN A 374 9.53 -7.70 -8.04
C ASN A 374 9.03 -8.91 -7.21
N LEU A 375 9.67 -10.08 -7.37
CA LEU A 375 9.20 -11.34 -6.76
C LEU A 375 10.04 -11.73 -5.55
N SER A 376 10.92 -10.86 -5.05
CA SER A 376 11.92 -11.25 -4.00
C SER A 376 11.19 -11.66 -2.71
N ASN A 377 10.23 -10.87 -2.21
CA ASN A 377 9.49 -11.26 -0.97
C ASN A 377 8.74 -12.59 -1.21
N THR A 378 8.12 -12.73 -2.38
CA THR A 378 7.32 -13.95 -2.73
C THR A 378 8.23 -15.17 -2.78
N VAL A 379 9.38 -15.07 -3.45
CA VAL A 379 10.34 -16.20 -3.54
C VAL A 379 10.74 -16.58 -2.11
N LEU A 380 11.15 -15.59 -1.33
CA LEU A 380 11.64 -15.85 0.06
C LEU A 380 10.52 -16.47 0.89
N LEU A 381 9.30 -15.96 0.78
CA LEU A 381 8.12 -16.43 1.53
C LEU A 381 7.84 -17.90 1.16
N LEU A 382 7.76 -18.18 -0.13
CA LEU A 382 7.34 -19.52 -0.61
C LEU A 382 8.45 -20.55 -0.33
N LYS A 383 9.72 -20.16 -0.33
CA LYS A 383 10.81 -21.07 0.11
C LYS A 383 10.65 -21.45 1.59
N SER A 384 10.18 -20.53 2.45
CA SER A 384 9.83 -20.83 3.86
C SER A 384 8.73 -21.88 3.89
N LEU A 385 7.63 -21.59 3.20
CA LEU A 385 6.43 -22.47 3.13
C LEU A 385 6.80 -23.85 2.57
N GLY A 386 7.98 -24.02 1.97
CA GLY A 386 8.50 -25.32 1.50
C GLY A 386 8.72 -25.39 -0.01
N VAL A 387 8.33 -24.37 -0.77
CA VAL A 387 8.26 -24.38 -2.26
C VAL A 387 9.62 -23.98 -2.84
N LYS A 388 10.36 -24.94 -3.41
CA LYS A 388 11.72 -24.75 -3.98
C LYS A 388 11.69 -23.76 -5.15
N ASP A 389 10.83 -24.00 -6.16
CA ASP A 389 10.75 -23.20 -7.41
C ASP A 389 9.33 -22.66 -7.59
N LEU A 390 9.19 -21.35 -7.86
CA LEU A 390 7.86 -20.71 -8.04
C LEU A 390 7.00 -21.45 -9.08
N LEU A 391 7.61 -22.00 -10.14
CA LEU A 391 6.81 -22.63 -11.24
C LEU A 391 6.26 -23.98 -10.77
N ASP A 392 6.66 -24.49 -9.60
CA ASP A 392 6.03 -25.68 -8.93
C ASP A 392 4.71 -25.30 -8.24
N PHE A 393 4.54 -24.01 -7.94
CA PHE A 393 3.36 -23.47 -7.23
C PHE A 393 2.18 -23.37 -8.19
N ASP A 394 0.96 -23.56 -7.67
CA ASP A 394 -0.29 -23.44 -8.46
C ASP A 394 -0.70 -21.97 -8.62
N PHE A 395 0.00 -21.25 -9.49
CA PHE A 395 -0.35 -19.84 -9.85
C PHE A 395 -1.42 -19.83 -10.95
N MET A 396 -2.49 -19.05 -10.77
CA MET A 396 -3.52 -18.81 -11.81
C MET A 396 -2.84 -18.24 -13.07
N ASP A 397 -1.94 -17.26 -12.90
CA ASP A 397 -1.08 -16.73 -13.98
C ASP A 397 0.37 -16.79 -13.52
N PRO A 398 1.21 -17.74 -14.00
CA PRO A 398 2.56 -17.88 -13.47
C PRO A 398 3.42 -16.66 -13.81
N PRO A 399 4.35 -16.32 -12.92
CA PRO A 399 5.29 -15.24 -13.19
C PRO A 399 6.26 -15.59 -14.33
N PRO A 400 6.81 -14.59 -15.04
CA PRO A 400 7.75 -14.86 -16.11
C PRO A 400 9.14 -15.22 -15.56
N GLN A 401 9.86 -16.08 -16.28
CA GLN A 401 11.21 -16.58 -15.89
C GLN A 401 12.16 -15.40 -15.65
N ASP A 402 12.07 -14.37 -16.49
CA ASP A 402 12.93 -13.15 -16.40
C ASP A 402 12.90 -12.62 -14.98
N THR A 403 11.69 -12.42 -14.44
CA THR A 403 11.47 -11.83 -13.10
C THR A 403 11.84 -12.84 -12.00
N ILE A 404 11.60 -14.12 -12.21
CA ILE A 404 12.04 -15.16 -11.25
C ILE A 404 13.56 -15.09 -11.15
N THR A 405 14.25 -15.06 -12.30
CA THR A 405 15.73 -15.07 -12.37
C THR A 405 16.28 -13.85 -11.61
N THR A 406 15.72 -12.67 -11.87
CA THR A 406 16.17 -11.41 -11.22
C THR A 406 16.11 -11.57 -9.69
N SER A 407 15.01 -12.11 -9.17
CA SER A 407 14.83 -12.29 -7.70
C SER A 407 15.79 -13.34 -7.16
N LEU A 408 15.96 -14.46 -7.86
CA LEU A 408 16.89 -15.55 -7.46
C LEU A 408 18.30 -14.97 -7.36
N TYR A 409 18.68 -14.10 -8.30
CA TYR A 409 20.00 -13.43 -8.33
C TYR A 409 20.11 -12.48 -7.13
N ASP A 410 19.17 -11.53 -7.01
CA ASP A 410 19.18 -10.50 -5.93
C ASP A 410 19.22 -11.17 -4.56
N LEU A 411 18.39 -12.20 -4.34
CA LEU A 411 18.35 -12.88 -3.02
C LEU A 411 19.64 -13.64 -2.74
N TRP A 412 20.25 -14.24 -3.77
CA TRP A 412 21.61 -14.84 -3.66
C TRP A 412 22.63 -13.75 -3.27
N ALA A 413 22.67 -12.61 -3.95
CA ALA A 413 23.66 -11.52 -3.70
C ALA A 413 23.48 -10.94 -2.31
N LEU A 414 22.24 -10.93 -1.79
CA LEU A 414 21.88 -10.44 -0.44
C LEU A 414 22.34 -11.44 0.62
N GLY A 415 22.57 -12.70 0.26
CA GLY A 415 22.90 -13.77 1.22
C GLY A 415 21.70 -14.50 1.76
N ALA A 416 20.51 -14.27 1.19
CA ALA A 416 19.25 -14.92 1.62
C ALA A 416 19.17 -16.35 1.06
N LEU A 417 19.81 -16.55 -0.09
CA LEU A 417 19.96 -17.88 -0.73
C LEU A 417 21.45 -18.24 -0.78
N ASP A 418 21.78 -19.52 -0.67
CA ASP A 418 23.17 -19.99 -0.83
C ASP A 418 23.47 -20.19 -2.32
N ASN A 419 24.68 -20.66 -2.63
CA ASN A 419 25.20 -20.80 -4.00
C ASN A 419 24.31 -21.80 -4.76
N LEU A 420 23.59 -22.68 -4.05
CA LEU A 420 22.69 -23.67 -4.70
C LEU A 420 21.29 -23.09 -4.80
N GLY A 421 21.07 -21.84 -4.35
CA GLY A 421 19.76 -21.19 -4.32
C GLY A 421 18.87 -21.66 -3.18
N GLU A 422 19.44 -22.23 -2.11
CA GLU A 422 18.64 -22.70 -0.96
C GLU A 422 18.56 -21.61 0.11
N LEU A 423 17.47 -21.62 0.87
CA LEU A 423 17.25 -20.65 1.96
C LEU A 423 18.43 -20.74 2.94
N THR A 424 19.05 -19.61 3.30
CA THR A 424 20.04 -19.58 4.40
C THR A 424 19.33 -19.25 5.72
N GLU A 425 20.09 -19.21 6.81
CA GLU A 425 19.63 -18.77 8.14
C GLU A 425 19.29 -17.28 8.09
N LEU A 426 20.16 -16.47 7.47
CA LEU A 426 19.86 -15.05 7.20
C LEU A 426 18.54 -14.94 6.41
N GLY A 427 18.32 -15.74 5.36
CA GLY A 427 17.09 -15.65 4.54
C GLY A 427 15.86 -15.92 5.38
N ARG A 428 15.96 -16.94 6.23
CA ARG A 428 14.90 -17.34 7.19
C ARG A 428 14.60 -16.16 8.12
N LYS A 429 15.63 -15.55 8.69
CA LYS A 429 15.48 -14.42 9.65
C LYS A 429 14.77 -13.26 8.93
N MET A 430 15.16 -12.96 7.69
CA MET A 430 14.59 -11.86 6.85
C MET A 430 13.07 -12.07 6.68
N ASN A 431 12.62 -13.33 6.61
CA ASN A 431 11.20 -13.67 6.40
C ASN A 431 10.39 -13.25 7.62
N ALA A 432 11.01 -13.15 8.79
CA ALA A 432 10.32 -12.74 10.04
C ALA A 432 9.88 -11.28 9.94
N PHE A 433 10.46 -10.48 9.03
CA PHE A 433 10.18 -9.03 8.94
C PHE A 433 9.35 -8.72 7.70
N PRO A 434 8.14 -8.15 7.89
CA PRO A 434 7.24 -7.85 6.77
C PRO A 434 7.69 -6.58 6.04
N MET A 435 8.76 -6.70 5.27
CA MET A 435 9.43 -5.59 4.53
C MET A 435 10.30 -6.18 3.44
N ASP A 436 10.77 -5.31 2.53
CA ASP A 436 11.69 -5.66 1.41
C ASP A 436 12.88 -6.42 2.01
N PRO A 437 13.33 -7.55 1.42
CA PRO A 437 14.49 -8.31 1.93
C PRO A 437 15.74 -7.49 2.26
N PRO A 438 16.16 -6.52 1.43
CA PRO A 438 17.32 -5.70 1.79
C PRO A 438 17.08 -4.91 3.09
N LEU A 439 15.86 -4.48 3.35
CA LEU A 439 15.56 -3.64 4.53
C LEU A 439 15.59 -4.54 5.78
N ALA A 440 15.07 -5.75 5.69
CA ALA A 440 15.15 -6.74 6.79
C ALA A 440 16.62 -7.05 7.06
N LYS A 441 17.42 -7.25 6.01
CA LYS A 441 18.86 -7.57 6.16
C LYS A 441 19.55 -6.44 6.91
N LEU A 442 19.27 -5.21 6.52
CA LEU A 442 19.83 -4.01 7.20
C LEU A 442 19.55 -4.06 8.70
N LEU A 443 18.31 -4.37 9.09
CA LEU A 443 17.94 -4.42 10.52
C LEU A 443 18.66 -5.58 11.21
N ILE A 444 18.70 -6.73 10.57
CA ILE A 444 19.38 -7.95 11.11
C ILE A 444 20.89 -7.67 11.28
N MET A 445 21.55 -7.02 10.33
CA MET A 445 23.01 -6.81 10.40
C MET A 445 23.36 -5.76 11.46
N SER A 446 22.43 -4.84 11.76
CA SER A 446 22.71 -3.69 12.65
C SER A 446 23.15 -4.17 14.03
N GLU A 447 22.72 -5.34 14.47
CA GLU A 447 23.17 -5.90 15.77
C GLU A 447 24.70 -6.05 15.78
N GLU A 448 25.26 -6.75 14.79
CA GLU A 448 26.73 -6.98 14.63
C GLU A 448 27.47 -5.65 14.50
N TYR A 449 26.88 -4.65 13.84
CA TYR A 449 27.51 -3.30 13.70
C TYR A 449 27.30 -2.44 14.96
N GLY A 450 26.60 -2.93 15.99
CA GLY A 450 26.45 -2.24 17.28
C GLY A 450 25.55 -1.01 17.19
N CYS A 451 24.49 -1.06 16.36
CA CYS A 451 23.63 0.12 16.08
C CYS A 451 22.18 -0.30 15.82
N SER A 452 21.73 -1.40 16.42
CA SER A 452 20.33 -1.89 16.31
C SER A 452 19.34 -0.83 16.81
N GLU A 453 19.69 -0.07 17.85
CA GLU A 453 18.84 1.00 18.42
C GLU A 453 18.56 2.03 17.33
N GLU A 454 19.60 2.45 16.64
CA GLU A 454 19.49 3.52 15.62
C GLU A 454 18.84 2.94 14.36
N MET A 455 19.14 1.68 14.01
CA MET A 455 18.76 1.13 12.70
C MET A 455 17.27 0.86 12.67
N VAL A 456 16.68 0.43 13.79
CA VAL A 456 15.21 0.18 13.84
C VAL A 456 14.48 1.50 13.66
N THR A 457 15.05 2.60 14.18
CA THR A 457 14.51 3.97 13.91
C THR A 457 14.60 4.26 12.41
N ILE A 458 15.76 4.09 11.78
CA ILE A 458 15.97 4.41 10.34
C ILE A 458 15.01 3.56 9.48
N VAL A 459 14.90 2.27 9.76
CA VAL A 459 14.04 1.32 9.00
C VAL A 459 12.58 1.75 9.17
N SER A 460 12.22 2.19 10.37
CA SER A 460 10.86 2.68 10.67
C SER A 460 10.57 3.92 9.82
N MET A 461 11.51 4.86 9.74
CA MET A 461 11.37 6.10 8.94
C MET A 461 11.28 5.75 7.46
N LEU A 462 11.97 4.71 6.98
CA LEU A 462 11.95 4.31 5.55
C LEU A 462 10.64 3.56 5.23
N SER A 463 9.86 3.18 6.24
CA SER A 463 8.65 2.35 6.08
C SER A 463 7.37 3.21 6.07
N VAL A 464 7.50 4.53 6.21
CA VAL A 464 6.35 5.44 6.39
C VAL A 464 6.55 6.62 5.45
N PRO A 465 5.51 7.44 5.23
CA PRO A 465 5.63 8.61 4.36
C PRO A 465 6.72 9.58 4.83
N ASN A 466 7.26 10.34 3.88
CA ASN A 466 8.36 11.28 4.10
C ASN A 466 7.96 12.24 5.24
N VAL A 467 8.94 12.73 6.00
CA VAL A 467 8.69 13.50 7.27
C VAL A 467 8.63 14.99 6.94
N PHE A 468 9.28 15.42 5.87
CA PHE A 468 9.50 16.85 5.55
C PHE A 468 8.27 17.40 4.82
N TYR A 469 7.66 18.42 5.43
CA TYR A 469 6.50 19.16 4.89
C TYR A 469 7.05 20.40 4.17
N ARG A 470 6.71 20.55 2.90
CA ARG A 470 7.24 21.62 2.02
C ARG A 470 6.04 22.31 1.36
N PRO A 471 5.23 23.04 2.15
CA PRO A 471 4.07 23.71 1.64
C PRO A 471 4.59 24.73 0.65
N LYS A 472 3.61 24.90 -0.23
CA LYS A 472 3.96 25.51 -1.51
C LYS A 472 4.03 27.03 -1.38
N GLU A 473 3.27 27.65 -0.46
CA GLU A 473 3.23 29.11 -0.19
C GLU A 473 4.17 29.47 0.97
N ARG A 474 5.03 28.53 1.42
CA ARG A 474 6.03 28.78 2.50
C ARG A 474 7.30 27.97 2.25
N GLN A 475 7.75 27.92 0.99
CA GLN A 475 8.78 26.97 0.49
C GLN A 475 10.18 27.34 1.02
N GLU A 476 10.50 28.63 1.10
CA GLU A 476 11.85 29.09 1.55
C GLU A 476 11.96 28.85 3.06
N GLU A 477 10.88 29.06 3.82
CA GLU A 477 10.84 28.87 5.29
C GLU A 477 10.94 27.36 5.58
N SER A 478 10.24 26.54 4.80
CA SER A 478 10.28 25.06 4.89
C SER A 478 11.69 24.56 4.56
N ASP A 479 12.26 25.02 3.44
CA ASP A 479 13.62 24.61 3.01
C ASP A 479 14.60 24.93 4.14
N ALA A 480 14.52 26.14 4.70
CA ALA A 480 15.39 26.62 5.80
C ALA A 480 15.30 25.65 7.00
N ALA A 481 14.11 25.25 7.42
CA ALA A 481 13.91 24.35 8.59
C ALA A 481 14.50 22.96 8.28
N ARG A 482 14.20 22.42 7.09
CA ARG A 482 14.77 21.12 6.65
C ARG A 482 16.29 21.15 6.83
N GLU A 483 16.98 22.21 6.38
CA GLU A 483 18.46 22.28 6.38
C GLU A 483 19.05 22.18 7.80
N LYS A 484 18.36 22.62 8.86
CA LYS A 484 18.87 22.54 10.25
C LYS A 484 18.81 21.10 10.78
N PHE A 485 18.07 20.18 10.14
CA PHE A 485 18.03 18.74 10.53
C PHE A 485 19.04 17.92 9.72
N PHE A 486 19.55 18.47 8.62
CA PHE A 486 20.46 17.74 7.70
C PHE A 486 21.65 17.19 8.48
N VAL A 487 21.92 15.90 8.30
CA VAL A 487 23.27 15.30 8.51
C VAL A 487 23.82 15.15 7.10
N PRO A 488 24.69 16.07 6.64
CA PRO A 488 25.00 16.15 5.21
C PRO A 488 25.55 14.86 4.58
N GLU A 489 26.18 13.99 5.36
CA GLU A 489 26.72 12.73 4.79
C GLU A 489 25.58 11.75 4.44
N SER A 490 24.32 11.96 4.83
CA SER A 490 23.33 10.87 4.74
C SER A 490 21.89 11.31 4.99
N ASP A 491 20.99 11.04 4.05
CA ASP A 491 19.52 11.16 4.25
C ASP A 491 19.08 10.15 5.32
N HIS A 492 19.69 8.96 5.36
CA HIS A 492 19.31 7.95 6.39
C HIS A 492 19.58 8.55 7.79
N LEU A 493 20.76 9.13 8.03
CA LEU A 493 21.08 9.77 9.34
C LEU A 493 20.20 11.00 9.57
N THR A 494 19.87 11.75 8.52
CA THR A 494 18.95 12.90 8.68
C THR A 494 17.62 12.43 9.28
N TYR A 495 17.03 11.34 8.79
CA TYR A 495 15.76 10.78 9.33
C TYR A 495 15.96 10.37 10.78
N LEU A 496 17.09 9.73 11.09
CA LEU A 496 17.43 9.37 12.49
C LEU A 496 17.49 10.64 13.33
N HIS A 497 18.10 11.70 12.79
CA HIS A 497 18.27 12.98 13.52
C HIS A 497 16.88 13.57 13.83
N VAL A 498 16.02 13.70 12.83
CA VAL A 498 14.63 14.23 12.96
C VAL A 498 13.88 13.41 14.03
N TYR A 499 13.93 12.09 13.98
CA TYR A 499 13.16 11.26 14.93
C TYR A 499 13.65 11.50 16.38
N THR A 500 14.96 11.58 16.52
CA THR A 500 15.66 11.74 17.82
C THR A 500 15.29 13.09 18.42
N GLN A 501 15.26 14.14 17.60
CA GLN A 501 14.83 15.49 18.03
C GLN A 501 13.34 15.49 18.34
N TRP A 502 12.51 14.83 17.53
CA TRP A 502 11.05 14.75 17.80
C TRP A 502 10.84 14.13 19.18
N LYS A 503 11.57 13.05 19.46
CA LYS A 503 11.51 12.32 20.75
C LYS A 503 11.98 13.25 21.88
N ALA A 504 13.07 13.98 21.66
CA ALA A 504 13.68 14.89 22.68
C ALA A 504 12.68 15.97 23.11
N ASN A 505 11.71 16.30 22.26
CA ASN A 505 10.65 17.32 22.51
C ASN A 505 9.35 16.62 22.92
N GLY A 506 9.45 15.45 23.52
CA GLY A 506 8.28 14.72 24.03
C GLY A 506 7.25 14.43 22.94
N TYR A 507 7.68 14.14 21.71
CA TYR A 507 6.79 13.67 20.62
C TYR A 507 5.62 14.66 20.39
N SER A 508 5.93 15.95 20.31
CA SER A 508 4.96 17.07 20.29
C SER A 508 4.50 17.38 18.86
N ASP A 509 3.18 17.38 18.60
CA ASP A 509 2.60 17.75 17.28
C ASP A 509 2.89 19.24 16.99
N ALA A 510 2.95 20.06 18.03
CA ALA A 510 3.13 21.53 17.95
C ALA A 510 4.55 21.82 17.44
N TRP A 511 5.54 21.12 18.00
CA TRP A 511 6.96 21.14 17.56
C TRP A 511 7.08 20.76 16.07
N CYS A 512 6.36 19.73 15.60
CA CYS A 512 6.41 19.27 14.19
C CYS A 512 5.94 20.41 13.28
N ALA A 513 4.77 21.00 13.56
CA ALA A 513 4.19 22.13 12.78
C ALA A 513 5.22 23.26 12.73
N ARG A 514 5.82 23.58 13.87
CA ARG A 514 6.76 24.73 14.00
C ARG A 514 7.97 24.52 13.09
N HIS A 515 8.39 23.27 12.86
CA HIS A 515 9.64 22.90 12.14
C HIS A 515 9.35 22.34 10.73
N PHE A 516 8.10 22.36 10.30
CA PHE A 516 7.66 21.89 8.95
C PHE A 516 7.93 20.39 8.82
N LEU A 517 7.45 19.61 9.80
CA LEU A 517 7.51 18.13 9.82
C LEU A 517 6.10 17.56 9.97
N HIS A 518 5.82 16.46 9.27
CA HIS A 518 4.55 15.71 9.35
C HIS A 518 4.56 14.87 10.63
N SER A 519 3.85 15.32 11.65
CA SER A 519 3.59 14.51 12.88
C SER A 519 2.97 13.15 12.53
N LYS A 520 2.05 13.09 11.57
CA LYS A 520 1.41 11.79 11.19
C LYS A 520 2.52 10.82 10.76
N SER A 521 3.52 11.30 10.02
CA SER A 521 4.67 10.50 9.53
C SER A 521 5.44 9.95 10.73
N LEU A 522 5.82 10.83 11.66
CA LEU A 522 6.61 10.47 12.86
C LEU A 522 5.75 9.56 13.72
N ARG A 523 4.47 9.90 13.92
CA ARG A 523 3.60 9.03 14.75
C ARG A 523 3.58 7.62 14.14
N ARG A 524 3.47 7.55 12.82
CA ARG A 524 3.44 6.26 12.10
C ARG A 524 4.81 5.55 12.26
N ALA A 525 5.92 6.29 12.14
CA ALA A 525 7.29 5.73 12.33
C ALA A 525 7.38 5.10 13.72
N ARG A 526 6.85 5.77 14.74
CA ARG A 526 6.86 5.21 16.12
C ARG A 526 6.02 3.93 16.24
N GLU A 527 4.86 3.87 15.55
CA GLU A 527 3.99 2.68 15.56
C GLU A 527 4.79 1.51 15.01
N VAL A 528 5.45 1.73 13.87
CA VAL A 528 6.27 0.72 13.14
C VAL A 528 7.44 0.33 14.03
N ARG A 529 8.15 1.30 14.59
CA ARG A 529 9.32 1.01 15.46
C ARG A 529 8.90 0.04 16.56
N ASP A 530 7.79 0.32 17.25
CA ASP A 530 7.34 -0.50 18.42
C ASP A 530 7.08 -1.94 17.99
N GLN A 531 6.48 -2.15 16.83
CA GLN A 531 6.20 -3.49 16.25
C GLN A 531 7.52 -4.17 15.88
N LEU A 532 8.43 -3.45 15.23
CA LEU A 532 9.74 -4.02 14.83
C LEU A 532 10.52 -4.43 16.08
N LEU A 533 10.47 -3.64 17.15
CA LEU A 533 11.19 -3.98 18.42
C LEU A 533 10.75 -5.37 18.90
N ASP A 534 9.45 -5.68 18.78
CA ASP A 534 8.87 -6.97 19.25
C ASP A 534 9.41 -8.11 18.41
N ILE A 535 9.46 -7.94 17.09
CA ILE A 535 9.98 -8.99 16.15
C ILE A 535 11.46 -9.21 16.48
N MET A 536 12.20 -8.12 16.71
CA MET A 536 13.64 -8.19 17.03
C MET A 536 13.83 -9.01 18.31
N LYS A 537 12.98 -8.81 19.32
CA LYS A 537 12.97 -9.58 20.59
C LYS A 537 12.73 -11.06 20.33
N MET A 538 11.69 -11.40 19.57
CA MET A 538 11.34 -12.82 19.27
C MET A 538 12.49 -13.46 18.50
N GLN A 539 13.20 -12.68 17.68
CA GLN A 539 14.37 -13.14 16.91
C GLN A 539 15.66 -13.06 17.75
N HIS A 540 15.54 -12.81 19.05
CA HIS A 540 16.67 -12.79 20.02
C HIS A 540 17.75 -11.82 19.54
N MET A 541 17.38 -10.66 18.99
CA MET A 541 18.36 -9.61 18.66
C MET A 541 18.57 -8.73 19.90
N ARG A 542 19.82 -8.38 20.18
CA ARG A 542 20.19 -7.41 21.25
C ARG A 542 19.97 -6.01 20.67
N MET A 543 19.51 -5.11 21.54
CA MET A 543 19.33 -3.68 21.25
C MET A 543 20.58 -2.99 21.75
N VAL A 544 21.41 -2.52 20.83
CA VAL A 544 22.71 -1.88 21.16
C VAL A 544 22.76 -0.55 20.40
N SER A 545 23.33 0.47 21.03
CA SER A 545 23.49 1.84 20.46
C SER A 545 24.93 2.04 20.08
N CYS A 546 25.18 2.74 18.98
CA CYS A 546 26.55 3.14 18.56
C CYS A 546 26.96 4.47 19.20
N GLY A 547 26.14 5.03 20.09
CA GLY A 547 26.42 6.30 20.78
C GLY A 547 26.62 7.44 19.79
N THR A 548 27.79 8.08 19.83
CA THR A 548 28.09 9.26 18.96
C THR A 548 28.81 8.81 17.68
N ASP A 549 29.08 7.52 17.48
CA ASP A 549 29.74 7.01 16.24
C ASP A 549 28.71 6.74 15.14
N TRP A 550 28.22 7.77 14.46
CA TRP A 550 27.23 7.59 13.36
C TRP A 550 27.89 6.97 12.11
N ASP A 551 29.21 7.04 11.96
CA ASP A 551 29.92 6.45 10.80
C ASP A 551 29.55 4.95 10.68
N ILE A 552 29.46 4.22 11.79
CA ILE A 552 29.23 2.74 11.73
C ILE A 552 27.81 2.49 11.21
N ILE A 553 26.89 3.44 11.39
CA ILE A 553 25.53 3.34 10.79
C ILE A 553 25.67 3.42 9.26
N ARG A 554 26.48 4.35 8.77
CA ARG A 554 26.67 4.50 7.30
C ARG A 554 27.31 3.24 6.75
N LYS A 555 28.26 2.65 7.49
CA LYS A 555 28.99 1.44 7.02
C LYS A 555 27.99 0.28 6.94
N CYS A 556 27.13 0.12 7.96
CA CYS A 556 26.04 -0.88 7.96
C CYS A 556 25.07 -0.67 6.78
N ILE A 557 24.67 0.58 6.54
CA ILE A 557 23.77 0.93 5.39
C ILE A 557 24.48 0.52 4.11
N CYS A 558 25.79 0.79 4.04
CA CYS A 558 26.63 0.47 2.86
C CYS A 558 26.58 -1.03 2.62
N SER A 559 26.60 -1.81 3.69
CA SER A 559 26.48 -3.28 3.61
C SER A 559 25.08 -3.71 3.14
N GLY A 560 24.00 -3.13 3.67
CA GLY A 560 22.64 -3.58 3.31
C GLY A 560 22.24 -3.18 1.90
N TYR A 561 22.81 -2.09 1.38
CA TYR A 561 22.40 -1.48 0.08
C TYR A 561 23.58 -1.37 -0.89
N TYR A 562 24.55 -2.28 -0.74
CA TYR A 562 25.71 -2.48 -1.64
C TYR A 562 25.24 -2.60 -3.11
N HIS A 563 24.13 -3.30 -3.32
CA HIS A 563 23.52 -3.59 -4.65
C HIS A 563 23.08 -2.29 -5.31
N GLN A 564 22.98 -1.21 -4.55
CA GLN A 564 22.56 0.12 -5.06
C GLN A 564 23.66 1.13 -4.76
N ALA A 565 24.93 0.72 -4.87
CA ALA A 565 26.10 1.63 -4.79
C ALA A 565 26.21 2.38 -6.11
N ALA A 566 26.69 3.60 -6.05
CA ALA A 566 26.83 4.41 -7.28
C ALA A 566 28.06 5.32 -7.14
N LYS A 567 28.70 5.63 -8.27
CA LYS A 567 29.93 6.46 -8.31
C LYS A 567 29.59 7.80 -8.97
N VAL A 568 30.05 8.89 -8.37
CA VAL A 568 29.88 10.27 -8.89
C VAL A 568 30.31 10.29 -10.37
N LYS A 569 29.50 10.91 -11.23
CA LYS A 569 29.77 11.14 -12.68
C LYS A 569 30.00 12.64 -12.89
N GLY A 570 29.11 13.48 -12.35
CA GLY A 570 29.33 14.94 -12.23
C GLY A 570 28.02 15.70 -12.25
N ILE A 571 27.97 16.90 -11.67
CA ILE A 571 26.75 17.75 -11.63
C ILE A 571 25.57 16.89 -11.14
N GLY A 572 25.69 16.33 -9.94
CA GLY A 572 24.60 15.57 -9.29
C GLY A 572 24.30 14.22 -9.93
N GLU A 573 25.01 13.85 -10.99
CA GLU A 573 24.83 12.54 -11.68
C GLU A 573 25.71 11.51 -11.00
N TYR A 574 25.18 10.31 -10.73
CA TYR A 574 25.96 9.12 -10.32
C TYR A 574 25.72 7.97 -11.30
N ILE A 575 26.66 7.02 -11.32
CA ILE A 575 26.58 5.77 -12.14
C ILE A 575 26.35 4.59 -11.19
N ASN A 576 25.20 3.94 -11.32
CA ASN A 576 24.87 2.70 -10.58
C ASN A 576 25.89 1.61 -10.98
N LEU A 577 26.73 1.17 -10.03
CA LEU A 577 27.82 0.19 -10.29
C LEU A 577 27.28 -1.14 -10.86
N ARG A 578 26.12 -1.61 -10.42
CA ARG A 578 25.56 -2.92 -10.88
C ARG A 578 25.13 -2.88 -12.36
N THR A 579 24.66 -1.74 -12.89
CA THR A 579 23.99 -1.70 -14.23
C THR A 579 24.67 -0.73 -15.19
N SER A 580 25.52 0.15 -14.65
CA SER A 580 26.21 1.26 -15.36
C SER A 580 25.20 2.28 -15.90
N VAL A 581 24.06 2.42 -15.25
CA VAL A 581 23.00 3.41 -15.64
C VAL A 581 23.18 4.69 -14.82
N THR A 582 22.87 5.84 -15.44
CA THR A 582 22.91 7.18 -14.79
C THR A 582 21.65 7.38 -13.94
N VAL A 583 21.85 7.84 -12.71
CA VAL A 583 20.78 8.26 -11.75
C VAL A 583 21.15 9.65 -11.20
N GLN A 584 20.15 10.47 -10.92
CA GLN A 584 20.36 11.86 -10.48
C GLN A 584 20.18 11.93 -8.97
N LEU A 585 21.01 12.71 -8.26
CA LEU A 585 20.78 13.05 -6.83
C LEU A 585 19.62 14.03 -6.74
N HIS A 586 18.65 13.80 -5.86
CA HIS A 586 17.51 14.73 -5.66
C HIS A 586 17.99 16.02 -5.00
N PRO A 587 17.54 17.20 -5.49
CA PRO A 587 17.97 18.49 -4.92
C PRO A 587 17.61 18.63 -3.43
N THR A 588 16.59 17.91 -2.99
CA THR A 588 16.17 17.88 -1.55
C THR A 588 17.13 17.05 -0.70
N SER A 589 18.10 16.35 -1.30
CA SER A 589 18.98 15.41 -0.53
C SER A 589 19.81 16.22 0.46
N ALA A 590 20.00 15.67 1.66
CA ALA A 590 20.93 16.18 2.69
C ALA A 590 22.34 16.32 2.12
N LEU A 591 22.70 15.55 1.08
CA LEU A 591 24.08 15.55 0.53
C LEU A 591 24.41 16.92 -0.07
N TYR A 592 23.43 17.74 -0.43
CA TYR A 592 23.68 19.11 -0.96
C TYR A 592 24.16 20.07 0.14
N GLY A 593 24.17 19.64 1.40
CA GLY A 593 24.78 20.37 2.53
C GLY A 593 26.28 20.13 2.64
N LEU A 594 26.81 19.16 1.91
CA LEU A 594 28.28 18.86 1.88
C LEU A 594 29.03 19.95 1.08
N GLY A 595 30.33 20.10 1.39
CA GLY A 595 31.28 20.98 0.65
C GLY A 595 31.37 20.60 -0.83
N PHE A 596 31.31 19.32 -1.14
CA PHE A 596 31.33 18.77 -2.53
C PHE A 596 30.63 17.41 -2.48
N LEU A 597 30.08 16.95 -3.61
CA LEU A 597 29.34 15.66 -3.66
C LEU A 597 30.35 14.52 -3.53
N PRO A 598 30.00 13.47 -2.74
CA PRO A 598 30.93 12.37 -2.49
C PRO A 598 31.07 11.45 -3.70
N ASP A 599 32.24 10.81 -3.80
CA ASP A 599 32.64 9.88 -4.89
C ASP A 599 31.69 8.68 -4.88
N TYR A 600 31.24 8.21 -3.72
CA TYR A 600 30.49 6.93 -3.62
C TYR A 600 29.31 7.13 -2.70
N VAL A 601 28.18 6.57 -3.09
CA VAL A 601 26.93 6.58 -2.28
C VAL A 601 26.27 5.21 -2.38
N VAL A 602 25.36 4.94 -1.46
CA VAL A 602 24.27 3.97 -1.69
C VAL A 602 22.96 4.75 -1.55
N TYR A 603 21.91 4.26 -2.19
CA TYR A 603 20.59 4.91 -2.13
C TYR A 603 19.55 3.84 -1.84
N HIS A 604 18.41 4.27 -1.32
CA HIS A 604 17.29 3.39 -0.91
C HIS A 604 16.44 2.98 -2.12
N GLU A 605 16.10 3.90 -3.02
CA GLU A 605 15.23 3.54 -4.18
C GLU A 605 15.36 4.59 -5.28
N LEU A 606 14.85 4.24 -6.45
CA LEU A 606 14.76 5.14 -7.62
C LEU A 606 13.31 5.63 -7.75
N ILE A 607 13.16 6.92 -8.07
CA ILE A 607 11.86 7.59 -8.28
C ILE A 607 11.93 8.25 -9.65
N LEU A 608 10.86 8.16 -10.42
CA LEU A 608 10.75 8.89 -11.70
C LEU A 608 9.83 10.09 -11.43
N THR A 609 10.37 11.28 -11.65
CA THR A 609 9.62 12.55 -11.69
C THR A 609 9.83 13.08 -13.11
N SER A 610 10.64 14.12 -13.31
CA SER A 610 11.09 14.56 -14.66
C SER A 610 12.05 13.51 -15.22
N LYS A 611 12.90 12.97 -14.34
CA LYS A 611 13.98 12.02 -14.67
C LYS A 611 14.16 11.02 -13.51
N GLU A 612 15.02 10.02 -13.68
CA GLU A 612 15.29 8.98 -12.65
C GLU A 612 16.17 9.58 -11.55
N TYR A 613 15.62 9.73 -10.35
CA TYR A 613 16.36 10.23 -9.17
C TYR A 613 16.55 9.08 -8.17
N MET A 614 17.73 9.06 -7.59
CA MET A 614 17.98 8.43 -6.27
C MET A 614 17.12 9.12 -5.21
N SER A 615 16.64 8.34 -4.24
CA SER A 615 15.87 8.84 -3.09
C SER A 615 16.39 8.15 -1.82
N THR A 616 16.82 8.99 -0.87
CA THR A 616 17.43 8.60 0.43
C THR A 616 18.83 8.04 0.16
N VAL A 617 19.80 8.93 0.23
CA VAL A 617 21.19 8.65 -0.21
C VAL A 617 22.14 8.84 0.98
N THR A 618 23.09 7.93 1.10
CA THR A 618 24.16 7.95 2.14
C THR A 618 25.53 7.93 1.45
N ALA A 619 26.40 8.89 1.80
CA ALA A 619 27.83 8.84 1.39
C ALA A 619 28.47 7.62 2.04
N VAL A 620 29.28 6.86 1.28
CA VAL A 620 30.02 5.65 1.74
C VAL A 620 31.50 5.82 1.38
N ASP A 621 32.38 5.33 2.26
CA ASP A 621 33.84 5.28 2.01
C ASP A 621 34.07 4.20 0.96
N PRO A 622 34.97 4.44 -0.02
CA PRO A 622 35.29 3.41 -1.03
C PRO A 622 35.79 2.10 -0.40
N HIS A 623 36.57 2.17 0.69
CA HIS A 623 37.13 0.96 1.33
C HIS A 623 36.00 0.12 1.92
N TRP A 624 34.85 0.73 2.28
CA TRP A 624 33.68 -0.03 2.77
C TRP A 624 33.18 -0.92 1.63
N LEU A 625 33.13 -0.41 0.40
CA LEU A 625 32.51 -1.18 -0.71
C LEU A 625 33.38 -2.40 -1.06
N ALA A 626 34.71 -2.20 -1.08
CA ALA A 626 35.74 -3.23 -1.36
C ALA A 626 35.53 -4.45 -0.46
N GLU A 627 35.54 -4.23 0.87
CA GLU A 627 35.35 -5.26 1.92
C GLU A 627 34.18 -6.19 1.59
N LEU A 628 33.18 -5.71 0.84
CA LEU A 628 31.85 -6.36 0.68
C LEU A 628 31.72 -7.04 -0.68
N GLU A 629 30.63 -7.79 -0.85
CA GLU A 629 30.29 -8.60 -2.06
C GLU A 629 28.84 -9.06 -1.98
MG MG B . -15.59 -4.60 -0.34
PB ADP C . -18.73 -4.04 -0.98
O1B ADP C . -17.63 -4.79 -0.26
O2B ADP C . -19.66 -4.91 -1.71
O3B ADP C . -18.24 -2.83 -1.75
PA ADP C . -19.54 -2.97 1.67
O1A ADP C . -19.65 -4.24 2.45
O2A ADP C . -18.30 -2.12 1.77
O3A ADP C . -19.70 -3.37 0.14
O5' ADP C . -20.82 -2.04 1.96
C5' ADP C . -20.90 -0.72 1.35
C4' ADP C . -21.48 0.27 2.33
O4' ADP C . -20.73 0.24 3.58
C3' ADP C . -21.43 1.74 1.87
O3' ADP C . -22.49 2.49 2.44
C2' ADP C . -20.16 2.24 2.56
O2' ADP C . -20.04 3.64 2.75
C1' ADP C . -20.41 1.57 3.90
N9 ADP C . -19.26 1.68 4.79
C8 ADP C . -19.27 2.41 5.95
N7 ADP C . -18.14 2.38 6.59
C5 ADP C . -17.30 1.65 5.77
C6 ADP C . -15.95 1.30 5.90
N6 ADP C . -15.22 1.68 6.93
N1 ADP C . -15.38 0.59 4.89
C2 ADP C . -16.16 0.23 3.87
N3 ADP C . -17.45 0.48 3.65
C4 ADP C . -17.97 1.21 4.64
O1 P6G D . 5.76 6.31 -16.35
C2 P6G D . 4.83 6.44 -17.42
C3 P6G D . 3.83 7.55 -17.22
O4 P6G D . 4.46 8.84 -17.18
C5 P6G D . 4.21 9.64 -18.33
C6 P6G D . 2.75 10.05 -18.45
O7 P6G D . 2.08 9.22 -19.39
C8 P6G D . 1.12 9.89 -20.23
C9 P6G D . 1.82 10.65 -21.34
O10 P6G D . 2.14 9.77 -22.42
C11 P6G D . 2.70 10.45 -23.54
C12 P6G D . 3.85 9.68 -24.17
O13 P6G D . 4.97 9.66 -23.29
C14 P6G D . 5.00 8.51 -22.45
C15 P6G D . 6.22 7.70 -22.73
O16 P6G D . 6.37 6.71 -21.72
C17 P6G D . 5.68 5.49 -22.02
C18 P6G D . 6.49 4.63 -22.93
O19 P6G D . 7.72 4.22 -22.34
#